data_3FJN
#
_entry.id   3FJN
#
_cell.length_a   95.317
_cell.length_b   97.837
_cell.length_c   69.610
_cell.angle_alpha   90.00
_cell.angle_beta   90.00
_cell.angle_gamma   90.00
#
_symmetry.space_group_name_H-M   'P 21 21 2'
#
loop_
_entity.id
_entity.type
_entity.pdbx_description
1 polymer 'Aldo-keto reductase family 1 member C21'
2 non-polymer 'ACETATE ION'
3 water water
#
_entity_poly.entity_id   1
_entity_poly.type   'polypeptide(L)'
_entity_poly.pdbx_seq_one_letter_code
;MNSKCHCVILNDGNFIPVLGFGTALPLECPKSKAKELTKIAIDAGFHHFDSASVYNTEDHVGEAIRSKIADGTVRREDIF
YTSKVWCTSLHPELVRASLERSLQKLQFDYVDLYLIHYPMALKPGEENFPVDEHGKLIFDRVDLCATWEAMEKCKDAGLT
KSIGVSNFNYRQLEMILNKPGLKYKPVCNQVECHPYLNQMKLLDFCKSKDIVLVAYGVLGTQRDGGWVDQNSPVLLDEPV
LGSMAKKYNRTPALIALRYQLQRGIVVLNTSLKEERIKENMQVFEFQLSSEDMKVLDGLNRNMRYIPAAIFKGHPNWPFL
DEY
;
_entity_poly.pdbx_strand_id   A,B
#
loop_
_chem_comp.id
_chem_comp.type
_chem_comp.name
_chem_comp.formula
ACT non-polymer 'ACETATE ION' 'C2 H3 O2 -1'
#
# COMPACT_ATOMS: atom_id res chain seq x y z
N SER A 3 -0.89 -14.00 1.56
CA SER A 3 -0.43 -12.63 1.35
C SER A 3 -1.49 -11.81 0.59
N LYS A 4 -2.75 -12.19 0.75
CA LYS A 4 -3.85 -11.47 0.11
C LYS A 4 -4.74 -10.54 0.92
N CYS A 5 -4.74 -9.26 0.56
CA CYS A 5 -4.59 -8.18 1.54
C CYS A 5 -5.15 -6.85 1.04
N HIS A 6 -5.60 -6.01 1.97
CA HIS A 6 -5.85 -4.61 1.66
C HIS A 6 -4.77 -3.70 2.24
N CYS A 7 -3.67 -3.53 1.51
CA CYS A 7 -2.35 -3.49 2.12
C CYS A 7 -1.65 -2.17 1.81
N VAL A 8 -0.70 -1.80 2.68
CA VAL A 8 0.34 -0.84 2.30
C VAL A 8 1.73 -1.40 2.60
N ILE A 9 2.71 -0.94 1.82
CA ILE A 9 4.08 -1.42 1.96
C ILE A 9 4.84 -0.63 3.02
N LEU A 10 5.68 -1.31 3.78
CA LEU A 10 6.53 -0.65 4.76
C LEU A 10 7.97 -0.55 4.26
N ASN A 11 8.74 0.36 4.85
CA ASN A 11 9.96 0.86 4.22
C ASN A 11 11.06 -0.18 4.18
N ASP A 12 10.76 -1.38 4.69
CA ASP A 12 11.67 -2.51 4.59
C ASP A 12 11.15 -3.55 3.61
N GLY A 13 10.07 -3.22 2.92
CA GLY A 13 9.63 -3.99 1.77
C GLY A 13 8.63 -5.06 2.14
N ASN A 14 8.24 -5.09 3.41
CA ASN A 14 7.15 -5.95 3.87
C ASN A 14 5.79 -5.27 3.76
N PHE A 15 4.73 -6.06 3.81
CA PHE A 15 3.38 -5.55 3.62
C PHE A 15 2.57 -5.83 4.85
N ILE A 16 1.79 -4.86 5.25
CA ILE A 16 0.94 -4.97 6.40
C ILE A 16 -0.52 -4.72 5.93
N PRO A 17 -1.46 -5.53 6.42
CA PRO A 17 -2.88 -5.24 6.23
C PRO A 17 -3.29 -3.93 6.88
N VAL A 18 -4.11 -3.15 6.18
CA VAL A 18 -4.41 -1.79 6.60
C VAL A 18 -5.46 -1.77 7.71
N LEU A 19 -6.18 -2.88 7.86
CA LEU A 19 -7.08 -3.07 8.99
C LEU A 19 -6.61 -4.23 9.87
N GLY A 20 -6.46 -3.95 11.16
CA GLY A 20 -6.06 -4.95 12.09
C GLY A 20 -6.95 -5.00 13.31
N PHE A 21 -6.80 -6.14 14.01
CA PHE A 21 -7.52 -6.49 15.23
C PHE A 21 -6.62 -6.36 16.46
N GLY A 22 -6.94 -5.38 17.31
CA GLY A 22 -6.36 -5.28 18.64
C GLY A 22 -6.80 -6.36 19.65
N THR A 23 -5.83 -6.84 20.44
CA THR A 23 -6.07 -7.96 21.36
C THR A 23 -5.72 -7.66 22.82
N ALA A 24 -5.98 -6.42 23.23
CA ALA A 24 -5.96 -6.00 24.60
C ALA A 24 -7.41 -6.10 25.02
N LEU A 25 -7.64 -6.66 26.21
CA LEU A 25 -8.98 -6.83 26.70
C LEU A 25 -9.31 -5.92 27.86
N PRO A 26 -10.62 -5.60 28.00
CA PRO A 26 -11.18 -5.05 29.22
C PRO A 26 -10.64 -5.87 30.42
N LEU A 27 -10.28 -5.18 31.48
CA LEU A 27 -9.67 -5.85 32.60
C LEU A 27 -10.61 -6.94 33.25
N GLU A 28 -11.92 -6.79 33.04
CA GLU A 28 -12.97 -7.66 33.62
C GLU A 28 -13.25 -8.93 32.80
N CYS A 29 -12.54 -9.07 31.66
CA CYS A 29 -12.55 -10.26 30.86
C CYS A 29 -11.50 -11.25 31.35
N PRO A 30 -11.84 -12.55 31.34
CA PRO A 30 -10.81 -13.59 31.43
C PRO A 30 -9.95 -13.51 30.18
N LYS A 31 -8.65 -13.71 30.34
CA LYS A 31 -7.64 -13.49 29.26
C LYS A 31 -7.89 -14.44 28.09
N SER A 32 -8.46 -15.60 28.41
CA SER A 32 -9.03 -16.58 27.45
C SER A 32 -10.04 -16.06 26.42
N LYS A 33 -10.67 -14.92 26.71
CA LYS A 33 -11.59 -14.25 25.81
C LYS A 33 -10.95 -13.88 24.43
N ALA A 34 -9.66 -13.53 24.45
CA ALA A 34 -8.85 -13.21 23.27
C ALA A 34 -8.73 -14.37 22.29
N LYS A 35 -8.83 -15.61 22.77
CA LYS A 35 -8.97 -16.82 21.93
C LYS A 35 -10.23 -16.82 21.05
N GLU A 36 -11.36 -16.72 21.72
CA GLU A 36 -12.65 -16.67 21.11
C GLU A 36 -12.70 -15.49 20.15
N LEU A 37 -12.35 -14.29 20.62
CA LEU A 37 -12.39 -13.13 19.73
C LEU A 37 -11.47 -13.29 18.51
N THR A 38 -10.31 -13.88 18.69
CA THR A 38 -9.38 -14.03 17.57
C THR A 38 -9.96 -14.98 16.52
N LYS A 39 -10.57 -16.08 16.95
CA LYS A 39 -11.21 -17.00 16.02
C LYS A 39 -12.31 -16.29 15.22
N ILE A 40 -13.12 -15.51 15.92
CA ILE A 40 -14.20 -14.72 15.30
C ILE A 40 -13.67 -13.71 14.27
N ALA A 41 -12.63 -13.00 14.66
CA ALA A 41 -11.99 -12.03 13.77
C ALA A 41 -11.37 -12.72 12.56
N ILE A 42 -10.77 -13.88 12.77
CA ILE A 42 -10.26 -14.65 11.62
C ILE A 42 -11.36 -15.10 10.64
N ASP A 43 -12.48 -15.60 11.20
CA ASP A 43 -13.64 -15.99 10.35
C ASP A 43 -14.18 -14.77 9.64
N ALA A 44 -14.18 -13.58 10.31
CA ALA A 44 -14.59 -12.34 9.64
C ALA A 44 -13.67 -11.85 8.52
N GLY A 45 -12.48 -12.43 8.36
CA GLY A 45 -11.55 -12.05 7.25
C GLY A 45 -10.38 -11.13 7.62
N PHE A 46 -10.13 -10.98 8.92
CA PHE A 46 -9.04 -10.20 9.47
C PHE A 46 -7.77 -11.05 9.35
N HIS A 47 -6.69 -10.43 8.88
CA HIS A 47 -5.38 -11.11 8.84
C HIS A 47 -4.34 -10.52 9.78
N HIS A 48 -4.62 -9.33 10.34
CA HIS A 48 -3.61 -8.53 11.10
C HIS A 48 -4.13 -8.56 12.52
N PHE A 49 -3.28 -9.09 13.40
CA PHE A 49 -3.53 -9.18 14.81
C PHE A 49 -2.45 -8.41 15.60
N ASP A 50 -2.92 -7.58 16.53
CA ASP A 50 -2.04 -6.68 17.25
C ASP A 50 -2.02 -6.99 18.74
N SER A 51 -0.89 -7.49 19.22
CA SER A 51 -0.75 -7.85 20.63
C SER A 51 0.57 -7.34 21.20
N ALA A 52 0.67 -7.30 22.52
CA ALA A 52 1.92 -6.98 23.19
C ALA A 52 2.16 -7.89 24.40
N SER A 53 3.42 -8.07 24.75
CA SER A 53 3.78 -8.85 25.93
C SER A 53 2.86 -8.54 27.10
N VAL A 54 2.42 -7.28 27.19
CA VAL A 54 1.92 -6.73 28.44
C VAL A 54 0.42 -6.99 28.59
N TYR A 55 -0.24 -7.26 27.48
CA TYR A 55 -1.67 -7.57 27.50
C TYR A 55 -1.93 -8.87 28.26
N ASN A 56 -0.94 -9.75 28.29
CA ASN A 56 -1.14 -11.09 28.77
C ASN A 56 -2.18 -11.88 27.97
N THR A 57 -2.27 -11.58 26.67
CA THR A 57 -3.19 -12.28 25.78
C THR A 57 -2.51 -13.13 24.72
N GLU A 58 -1.16 -13.18 24.69
CA GLU A 58 -0.42 -13.72 23.51
C GLU A 58 -0.54 -15.23 23.45
N ASP A 59 -0.57 -15.93 24.59
CA ASP A 59 -0.94 -17.38 24.52
C ASP A 59 -2.30 -17.66 23.80
N HIS A 60 -3.35 -16.97 24.21
CA HIS A 60 -4.70 -17.17 23.69
C HIS A 60 -4.88 -16.84 22.21
N VAL A 61 -4.24 -15.75 21.78
CA VAL A 61 -4.28 -15.32 20.40
C VAL A 61 -3.54 -16.31 19.49
N GLY A 62 -2.30 -16.73 19.85
CA GLY A 62 -1.60 -17.76 19.15
C GLY A 62 -2.34 -19.10 19.04
N GLU A 63 -2.95 -19.53 20.14
CA GLU A 63 -3.86 -20.69 20.13
C GLU A 63 -5.06 -20.53 19.18
N ALA A 64 -5.71 -19.39 19.21
CA ALA A 64 -6.68 -19.02 18.17
C ALA A 64 -6.15 -19.13 16.73
N ILE A 65 -4.96 -18.59 16.48
CA ILE A 65 -4.42 -18.58 15.14
C ILE A 65 -3.94 -19.97 14.70
N ARG A 66 -3.33 -20.71 15.62
CA ARG A 66 -2.81 -22.02 15.32
C ARG A 66 -3.97 -23.01 15.06
N SER A 67 -5.06 -22.83 15.79
CA SER A 67 -6.29 -23.56 15.56
C SER A 67 -6.85 -23.37 14.15
N LYS A 68 -6.90 -22.12 13.67
CA LYS A 68 -7.35 -21.77 12.38
C LYS A 68 -6.31 -22.04 11.32
N ILE A 69 -5.09 -22.39 11.68
CA ILE A 69 -4.16 -22.89 10.64
C ILE A 69 -4.41 -24.38 10.53
N ALA A 70 -4.53 -25.03 11.69
CA ALA A 70 -4.62 -26.47 11.74
C ALA A 70 -5.79 -26.89 10.88
N ASP A 71 -6.95 -26.29 11.09
CA ASP A 71 -8.15 -26.67 10.36
C ASP A 71 -8.24 -25.94 9.02
N GLY A 72 -7.19 -25.19 8.69
CA GLY A 72 -6.90 -24.89 7.30
C GLY A 72 -7.61 -23.65 6.81
N THR A 73 -8.29 -22.96 7.72
CA THR A 73 -8.84 -21.64 7.43
C THR A 73 -7.78 -20.70 6.88
N VAL A 74 -6.66 -20.60 7.59
CA VAL A 74 -5.58 -19.73 7.19
C VAL A 74 -4.26 -20.47 7.27
N ARG A 75 -3.26 -19.98 6.54
CA ARG A 75 -1.84 -20.32 6.79
C ARG A 75 -1.11 -19.23 7.62
N ARG A 76 0.06 -19.57 8.17
CA ARG A 76 0.86 -18.67 9.03
C ARG A 76 1.24 -17.41 8.26
N GLU A 77 1.48 -17.57 6.97
CA GLU A 77 1.91 -16.52 6.05
C GLU A 77 0.85 -15.51 5.68
N ASP A 78 -0.40 -15.91 5.91
CA ASP A 78 -1.58 -15.07 5.71
C ASP A 78 -1.83 -14.22 6.97
N ILE A 79 -1.14 -14.53 8.08
CA ILE A 79 -1.32 -13.83 9.32
C ILE A 79 -0.20 -12.78 9.45
N PHE A 80 -0.63 -11.53 9.70
CA PHE A 80 0.30 -10.52 10.11
C PHE A 80 0.19 -10.32 11.66
N TYR A 81 1.18 -10.78 12.40
CA TYR A 81 1.11 -10.71 13.89
C TYR A 81 2.16 -9.75 14.53
N THR A 82 1.64 -8.87 15.41
CA THR A 82 2.43 -7.79 16.03
C THR A 82 2.59 -7.98 17.52
N SER A 83 3.82 -7.89 18.02
CA SER A 83 4.00 -7.85 19.44
C SER A 83 4.79 -6.56 19.80
N LYS A 84 4.96 -6.32 21.10
CA LYS A 84 5.67 -5.15 21.59
C LYS A 84 6.46 -5.47 22.85
N VAL A 85 7.68 -4.95 22.93
CA VAL A 85 8.46 -5.02 24.16
C VAL A 85 8.02 -3.96 25.15
N TRP A 86 7.89 -4.37 26.42
CA TRP A 86 7.28 -3.52 27.43
C TRP A 86 8.32 -2.68 28.16
N CYS A 87 7.86 -1.63 28.84
CA CYS A 87 8.80 -0.67 29.53
C CYS A 87 9.87 -1.33 30.39
N THR A 88 9.50 -2.46 30.98
CA THR A 88 10.38 -3.24 31.85
C THR A 88 11.51 -4.04 31.13
N SER A 89 11.46 -4.13 29.79
CA SER A 89 12.46 -4.89 29.07
C SER A 89 13.15 -4.08 27.97
N LEU A 90 13.18 -2.75 28.08
CA LEU A 90 13.87 -1.86 27.10
C LEU A 90 15.43 -1.87 27.17
N HIS A 91 16.00 -2.30 28.31
CA HIS A 91 17.47 -2.50 28.44
C HIS A 91 17.81 -3.38 27.29
N PRO A 92 18.89 -3.04 26.58
CA PRO A 92 19.24 -3.74 25.37
C PRO A 92 19.29 -5.28 25.49
N GLU A 93 19.80 -5.85 26.59
CA GLU A 93 19.87 -7.33 26.75
C GLU A 93 18.48 -7.95 26.93
N LEU A 94 17.50 -7.10 27.26
CA LEU A 94 16.22 -7.58 27.74
C LEU A 94 15.18 -7.61 26.62
N VAL A 95 15.55 -7.06 25.47
CA VAL A 95 14.62 -6.90 24.36
C VAL A 95 14.35 -8.22 23.66
N ARG A 96 15.43 -8.93 23.32
CA ARG A 96 15.31 -10.19 22.60
C ARG A 96 14.81 -11.31 23.52
N ALA A 97 15.17 -11.22 24.79
CA ALA A 97 14.73 -12.20 25.77
C ALA A 97 13.22 -12.17 25.90
N SER A 98 12.64 -10.95 25.91
CA SER A 98 11.21 -10.76 25.97
C SER A 98 10.53 -11.16 24.67
N LEU A 99 11.13 -10.89 23.51
CA LEU A 99 10.57 -11.33 22.24
C LEU A 99 10.55 -12.87 22.11
N GLU A 100 11.66 -13.52 22.46
CA GLU A 100 11.75 -14.99 22.53
C GLU A 100 10.72 -15.64 23.48
N ARG A 101 10.51 -15.02 24.64
CA ARG A 101 9.44 -15.42 25.54
C ARG A 101 8.09 -15.34 24.85
N SER A 102 7.81 -14.21 24.21
CA SER A 102 6.57 -14.02 23.49
C SER A 102 6.35 -15.12 22.46
N LEU A 103 7.42 -15.48 21.75
CA LEU A 103 7.34 -16.52 20.74
C LEU A 103 7.09 -17.89 21.36
N GLN A 104 7.60 -18.10 22.57
CA GLN A 104 7.28 -19.27 23.35
C GLN A 104 5.79 -19.34 23.67
N LYS A 105 5.22 -18.21 24.05
CA LYS A 105 3.83 -18.16 24.51
C LYS A 105 2.90 -18.42 23.31
N LEU A 106 3.28 -17.87 22.16
CA LEU A 106 2.47 -17.94 20.95
C LEU A 106 2.60 -19.32 20.30
N GLN A 107 3.73 -19.98 20.57
CA GLN A 107 4.24 -21.11 19.79
C GLN A 107 4.45 -20.73 18.33
N PHE A 108 5.10 -19.60 18.11
CA PHE A 108 5.49 -19.19 16.77
C PHE A 108 6.99 -19.37 16.54
N ASP A 109 7.40 -19.27 15.28
CA ASP A 109 8.81 -19.05 14.96
C ASP A 109 9.14 -17.55 14.96
N TYR A 110 8.18 -16.75 14.51
CA TYR A 110 8.41 -15.32 14.31
C TYR A 110 7.14 -14.52 14.53
N VAL A 111 7.30 -13.26 14.92
CA VAL A 111 6.26 -12.25 14.69
C VAL A 111 6.53 -11.46 13.42
N ASP A 112 5.47 -10.90 12.85
CA ASP A 112 5.60 -10.08 11.65
C ASP A 112 6.09 -8.68 11.97
N LEU A 113 5.80 -8.22 13.19
CA LEU A 113 6.14 -6.86 13.61
C LEU A 113 6.42 -6.80 15.11
N TYR A 114 7.49 -6.09 15.47
CA TYR A 114 7.85 -5.93 16.87
C TYR A 114 8.11 -4.46 17.20
N LEU A 115 7.34 -3.92 18.14
CA LEU A 115 7.43 -2.47 18.50
C LEU A 115 7.99 -2.25 19.87
N ILE A 116 8.65 -1.10 20.04
CA ILE A 116 8.84 -0.52 21.38
C ILE A 116 7.51 0.11 21.75
N HIS A 117 6.92 -0.38 22.84
CA HIS A 117 5.56 -0.02 23.20
C HIS A 117 5.47 1.44 23.61
N TYR A 118 6.21 1.81 24.64
CA TYR A 118 6.42 3.22 24.98
C TYR A 118 7.88 3.59 24.74
N PRO A 119 8.20 4.86 24.91
CA PRO A 119 9.59 5.34 24.94
C PRO A 119 10.03 5.57 26.39
N MET A 120 9.53 4.74 27.30
CA MET A 120 9.77 4.93 28.73
C MET A 120 10.14 3.62 29.40
N ALA A 121 11.27 3.61 30.08
CA ALA A 121 11.74 2.41 30.77
C ALA A 121 11.22 2.35 32.20
N LEU A 122 10.89 1.14 32.65
CA LEU A 122 10.61 0.90 34.06
C LEU A 122 11.57 -0.11 34.65
N LYS A 123 11.66 -0.14 35.98
CA LYS A 123 12.43 -1.15 36.68
C LYS A 123 12.15 -2.54 36.12
N PRO A 124 13.22 -3.28 35.83
CA PRO A 124 13.11 -4.73 35.58
C PRO A 124 12.76 -5.48 36.86
N GLY A 125 11.81 -6.41 36.74
CA GLY A 125 11.55 -7.10 35.50
C GLY A 125 10.15 -7.68 35.42
N GLU A 126 9.82 -8.53 36.39
CA GLU A 126 8.72 -9.47 36.23
C GLU A 126 7.37 -8.77 36.31
N GLU A 127 7.17 -8.00 37.37
CA GLU A 127 6.00 -7.12 37.48
C GLU A 127 6.01 -6.06 36.37
N ASN A 128 4.88 -5.95 35.66
CA ASN A 128 4.75 -4.96 34.57
C ASN A 128 4.62 -3.54 35.03
N PHE A 129 4.11 -3.34 36.24
CA PHE A 129 3.98 -2.01 36.85
C PHE A 129 4.71 -1.88 38.22
N PRO A 130 6.05 -1.88 38.20
CA PRO A 130 6.83 -1.79 39.43
C PRO A 130 6.57 -0.49 40.18
N VAL A 131 5.97 -0.59 41.37
CA VAL A 131 5.58 0.58 42.14
C VAL A 131 6.29 0.61 43.48
N ASP A 132 6.44 1.82 44.03
CA ASP A 132 7.03 1.98 45.36
C ASP A 132 5.96 2.34 46.39
N GLU A 133 6.39 2.60 47.61
CA GLU A 133 5.48 2.68 48.76
C GLU A 133 4.15 3.38 48.53
N HIS A 134 4.16 4.41 47.69
CA HIS A 134 2.99 5.27 47.52
C HIS A 134 2.35 5.05 46.15
N GLY A 135 2.64 3.90 45.54
CA GLY A 135 1.96 3.50 44.33
C GLY A 135 2.47 4.17 43.10
N LYS A 136 3.65 4.75 43.19
CA LYS A 136 4.22 5.38 42.05
C LYS A 136 5.19 4.40 41.39
N LEU A 137 5.09 4.36 40.05
CA LEU A 137 5.97 3.65 39.18
C LEU A 137 7.44 4.01 39.46
N ILE A 138 8.24 2.96 39.55
CA ILE A 138 9.67 3.04 39.55
C ILE A 138 10.18 3.12 38.07
N PHE A 139 10.60 4.32 37.70
CA PHE A 139 11.14 4.68 36.41
C PHE A 139 12.55 4.21 36.31
N ASP A 140 12.93 3.89 35.08
CA ASP A 140 14.30 3.48 34.84
C ASP A 140 14.90 4.32 33.68
N ARG A 141 16.23 4.29 33.56
CA ARG A 141 16.90 4.94 32.44
C ARG A 141 17.37 3.91 31.41
N VAL A 142 17.23 4.25 30.13
CA VAL A 142 17.84 3.47 29.06
C VAL A 142 18.14 4.35 27.86
N ASP A 143 19.21 4.02 27.15
CA ASP A 143 19.47 4.59 25.83
C ASP A 143 18.58 3.94 24.77
N LEU A 144 17.56 4.68 24.33
CA LEU A 144 16.60 4.16 23.36
C LEU A 144 17.29 3.77 22.05
N CYS A 145 18.34 4.52 21.71
CA CYS A 145 19.17 4.17 20.55
C CYS A 145 19.78 2.78 20.71
N ALA A 146 19.86 2.31 21.94
CA ALA A 146 20.48 1.02 22.24
C ALA A 146 19.44 -0.10 22.21
N THR A 147 18.25 0.18 22.74
CA THR A 147 17.09 -0.64 22.48
C THR A 147 16.86 -0.84 20.98
N TRP A 148 16.99 0.24 20.22
CA TRP A 148 16.77 0.19 18.79
C TRP A 148 17.75 -0.72 18.13
N GLU A 149 19.03 -0.52 18.43
CA GLU A 149 20.08 -1.43 17.96
C GLU A 149 19.73 -2.88 18.29
N ALA A 150 19.14 -3.09 19.46
CA ALA A 150 18.75 -4.43 19.89
C ALA A 150 17.53 -4.93 19.13
N MET A 151 16.54 -4.05 18.97
CA MET A 151 15.47 -4.28 18.01
C MET A 151 16.03 -4.67 16.64
N GLU A 152 17.12 -4.02 16.25
CA GLU A 152 17.66 -4.20 14.91
C GLU A 152 18.23 -5.61 14.72
N LYS A 153 18.79 -6.15 15.79
CA LYS A 153 19.41 -7.47 15.74
C LYS A 153 18.36 -8.57 15.74
N CYS A 154 17.22 -8.31 16.38
CA CYS A 154 16.09 -9.22 16.35
C CYS A 154 15.57 -9.41 14.92
N LYS A 155 15.57 -8.32 14.15
CA LYS A 155 15.22 -8.39 12.74
C LYS A 155 16.24 -9.22 11.96
N ASP A 156 17.52 -9.03 12.27
CA ASP A 156 18.60 -9.71 11.53
C ASP A 156 18.59 -11.22 11.82
N ALA A 157 18.24 -11.55 13.07
CA ALA A 157 18.10 -12.93 13.55
C ALA A 157 16.86 -13.64 13.00
N GLY A 158 15.97 -12.92 12.33
CA GLY A 158 14.72 -13.53 11.83
C GLY A 158 13.63 -13.79 12.84
N LEU A 159 13.76 -13.16 14.01
CA LEU A 159 12.79 -13.30 15.09
C LEU A 159 11.55 -12.41 14.86
N THR A 160 11.75 -11.31 14.17
CA THR A 160 10.70 -10.46 13.73
C THR A 160 11.01 -10.08 12.25
N LYS A 161 9.95 -9.85 11.49
CA LYS A 161 10.10 -9.53 10.07
C LYS A 161 10.22 -8.01 9.86
N SER A 162 9.54 -7.25 10.70
CA SER A 162 9.71 -5.80 10.74
C SER A 162 9.88 -5.31 12.16
N ILE A 163 10.50 -4.13 12.31
CA ILE A 163 10.53 -3.43 13.58
C ILE A 163 9.96 -2.01 13.44
N GLY A 164 9.27 -1.57 14.49
CA GLY A 164 8.89 -0.17 14.60
C GLY A 164 8.75 0.28 16.04
N VAL A 165 7.94 1.31 16.26
CA VAL A 165 7.79 1.89 17.59
C VAL A 165 6.33 2.26 17.86
N SER A 166 6.04 2.67 19.09
CA SER A 166 4.69 3.09 19.47
C SER A 166 4.74 4.17 20.53
N ASN A 167 3.98 5.25 20.31
CA ASN A 167 3.83 6.30 21.30
C ASN A 167 5.10 7.14 21.44
N PHE A 168 5.91 7.16 20.40
CA PHE A 168 6.95 8.18 20.25
C PHE A 168 6.37 9.50 19.77
N ASN A 169 6.95 10.60 20.23
CA ASN A 169 6.65 11.93 19.66
C ASN A 169 7.65 12.12 18.55
N TYR A 170 7.60 13.22 17.83
CA TYR A 170 8.39 13.33 16.61
C TYR A 170 9.92 13.44 16.92
N ARG A 171 10.28 14.08 18.06
CA ARG A 171 11.65 14.25 18.52
C ARG A 171 12.24 12.88 18.89
N GLN A 172 11.53 12.09 19.69
CA GLN A 172 11.94 10.70 19.97
C GLN A 172 12.06 9.91 18.66
N LEU A 173 11.10 10.00 17.74
CA LEU A 173 11.37 9.46 16.41
C LEU A 173 12.68 10.01 15.73
N GLU A 174 12.87 11.31 15.68
CA GLU A 174 14.11 11.91 15.21
C GLU A 174 15.43 11.30 15.73
N MET A 175 15.55 11.23 17.06
CA MET A 175 16.64 10.54 17.75
C MET A 175 16.98 9.19 17.15
N ILE A 176 15.97 8.45 16.68
CA ILE A 176 16.20 7.12 16.14
C ILE A 176 16.78 7.30 14.76
N LEU A 177 16.09 8.05 13.94
CA LEU A 177 16.43 8.30 12.56
C LEU A 177 17.80 8.95 12.32
N ASN A 178 18.23 9.80 13.26
CA ASN A 178 19.49 10.45 13.18
C ASN A 178 20.60 9.62 13.92
N LYS A 179 20.28 8.43 14.39
CA LYS A 179 21.31 7.66 15.09
C LYS A 179 22.49 7.33 14.15
N PRO A 180 23.75 7.56 14.60
CA PRO A 180 24.87 7.07 13.79
C PRO A 180 24.82 5.56 13.60
N GLY A 181 24.94 5.11 12.35
CA GLY A 181 25.05 3.69 12.05
C GLY A 181 23.70 3.01 12.04
N LEU A 182 22.64 3.79 12.07
CA LEU A 182 21.28 3.27 11.90
C LEU A 182 21.22 2.29 10.74
N LYS A 183 20.59 1.14 10.98
CA LYS A 183 20.48 0.10 9.97
C LYS A 183 19.05 0.01 9.42
N TYR A 184 18.08 0.03 10.33
CA TYR A 184 16.67 -0.02 9.95
C TYR A 184 15.89 1.11 10.60
N LYS A 185 15.26 1.94 9.77
CA LYS A 185 14.16 2.83 10.24
C LYS A 185 12.96 2.04 10.85
N PRO A 186 12.36 2.58 11.89
CA PRO A 186 11.06 2.06 12.31
C PRO A 186 10.13 2.07 11.06
N VAL A 187 9.36 1.02 10.89
CA VAL A 187 8.47 0.99 9.77
C VAL A 187 7.16 1.78 10.04
N CYS A 188 6.87 2.03 11.35
CA CYS A 188 5.61 2.57 11.79
C CYS A 188 5.83 3.22 13.12
N ASN A 189 4.93 4.14 13.45
CA ASN A 189 4.73 4.64 14.81
C ASN A 189 3.22 4.47 15.07
N GLN A 190 2.90 3.64 16.05
CA GLN A 190 1.57 3.32 16.48
C GLN A 190 1.16 4.20 17.60
N VAL A 191 0.11 5.00 17.37
CA VAL A 191 -0.33 5.97 18.36
C VAL A 191 -1.86 6.07 18.38
N GLU A 192 -2.39 6.73 19.41
CA GLU A 192 -3.79 7.12 19.41
C GLU A 192 -4.12 8.03 18.24
N CYS A 193 -5.13 7.66 17.47
CA CYS A 193 -5.56 8.47 16.33
C CYS A 193 -7.08 8.38 16.16
N HIS A 194 -7.73 9.55 16.13
CA HIS A 194 -9.14 9.63 15.76
C HIS A 194 -9.52 11.04 15.35
N PRO A 195 -10.78 11.22 14.99
CA PRO A 195 -11.26 12.51 14.46
C PRO A 195 -11.08 13.63 15.48
N TYR A 196 -11.06 13.28 16.76
CA TYR A 196 -10.86 14.26 17.82
C TYR A 196 -9.37 14.48 18.08
N LEU A 197 -8.55 13.54 17.62
CA LEU A 197 -7.10 13.66 17.75
C LEU A 197 -6.39 13.15 16.49
N ASN A 198 -6.49 13.92 15.42
CA ASN A 198 -6.28 13.38 14.07
C ASN A 198 -4.80 13.34 13.69
N GLN A 199 -3.94 13.81 14.60
CA GLN A 199 -2.50 13.57 14.51
C GLN A 199 -1.84 14.07 13.22
N MET A 200 -2.39 15.13 12.58
CA MET A 200 -1.96 15.58 11.25
CA MET A 200 -1.96 15.61 11.26
C MET A 200 -0.46 15.94 11.20
N LYS A 201 0.04 16.63 12.20
CA LYS A 201 1.48 16.99 12.18
C LYS A 201 2.39 15.76 12.31
N LEU A 202 2.11 14.89 13.27
CA LEU A 202 2.87 13.62 13.39
C LEU A 202 2.71 12.77 12.14
N LEU A 203 1.50 12.73 11.61
CA LEU A 203 1.25 11.99 10.37
C LEU A 203 2.10 12.51 9.24
N ASP A 204 2.10 13.83 9.07
CA ASP A 204 2.90 14.49 8.06
C ASP A 204 4.38 14.29 8.26
N PHE A 205 4.83 14.31 9.49
CA PHE A 205 6.22 13.99 9.74
C PHE A 205 6.54 12.52 9.39
N CYS A 206 5.72 11.58 9.86
CA CYS A 206 6.00 10.16 9.53
C CYS A 206 6.12 9.89 8.03
N LYS A 207 5.15 10.37 7.28
CA LYS A 207 5.12 10.19 5.84
C LYS A 207 6.37 10.79 5.19
N SER A 208 6.80 11.96 5.66
CA SER A 208 8.04 12.57 5.13
C SER A 208 9.34 11.71 5.36
N LYS A 209 9.32 10.86 6.39
CA LYS A 209 10.40 9.99 6.72
C LYS A 209 10.18 8.54 6.35
N ASP A 210 9.17 8.27 5.52
CA ASP A 210 8.89 6.92 5.06
C ASP A 210 8.40 6.04 6.21
N ILE A 211 7.62 6.63 7.11
CA ILE A 211 7.11 5.90 8.27
C ILE A 211 5.59 5.84 8.25
N VAL A 212 5.05 4.63 8.42
CA VAL A 212 3.60 4.44 8.44
C VAL A 212 3.03 4.76 9.82
N LEU A 213 1.94 5.52 9.83
CA LEU A 213 1.17 5.73 11.06
C LEU A 213 0.12 4.65 11.26
N VAL A 214 0.15 4.01 12.42
CA VAL A 214 -0.81 2.95 12.74
C VAL A 214 -1.61 3.50 13.91
N ALA A 215 -2.96 3.49 13.75
CA ALA A 215 -3.86 4.08 14.73
C ALA A 215 -4.50 3.06 15.65
N TYR A 216 -4.64 3.43 16.93
CA TYR A 216 -5.48 2.73 17.92
C TYR A 216 -6.33 3.75 18.65
N GLY A 217 -7.25 3.30 19.53
CA GLY A 217 -8.22 4.23 20.13
C GLY A 217 -9.06 4.97 19.09
N VAL A 218 -9.28 4.26 18.01
CA VAL A 218 -9.80 4.74 16.75
C VAL A 218 -11.30 5.19 16.87
N LEU A 219 -11.97 4.68 17.88
CA LEU A 219 -13.39 4.97 18.14
C LEU A 219 -13.53 5.76 19.47
N GLY A 220 -12.42 6.37 19.89
CA GLY A 220 -12.36 7.03 21.17
C GLY A 220 -12.61 5.98 22.23
N TRP A 227 -18.67 8.66 36.91
CA TRP A 227 -19.89 8.39 36.16
C TRP A 227 -20.25 9.54 35.24
N VAL A 228 -20.08 10.76 35.74
CA VAL A 228 -20.24 11.96 34.92
C VAL A 228 -19.34 11.90 33.69
N ASP A 229 -18.05 11.67 33.91
CA ASP A 229 -17.11 11.47 32.82
C ASP A 229 -17.55 10.35 31.90
N GLN A 230 -17.99 9.24 32.50
CA GLN A 230 -18.28 8.03 31.74
C GLN A 230 -19.47 8.24 30.81
N ASN A 231 -20.36 9.16 31.18
CA ASN A 231 -21.69 9.22 30.60
C ASN A 231 -21.95 10.55 29.89
N SER A 232 -21.01 11.48 30.04
CA SER A 232 -20.92 12.63 29.14
C SER A 232 -20.70 12.18 27.70
N PRO A 233 -20.97 13.08 26.77
CA PRO A 233 -20.95 12.74 25.33
C PRO A 233 -19.66 12.02 24.96
N VAL A 234 -19.78 10.96 24.15
CA VAL A 234 -18.62 10.14 23.77
C VAL A 234 -18.14 10.45 22.33
N LEU A 235 -16.91 10.05 21.95
CA LEU A 235 -16.55 10.28 20.53
C LEU A 235 -17.60 9.82 19.50
N LEU A 236 -18.11 8.58 19.56
CA LEU A 236 -19.14 8.16 18.55
C LEU A 236 -20.56 8.80 18.69
N ASP A 237 -20.90 9.34 19.88
CA ASP A 237 -22.01 10.30 20.01
C ASP A 237 -21.84 11.57 19.22
N GLU A 238 -20.72 11.73 18.51
CA GLU A 238 -20.40 12.98 17.76
C GLU A 238 -21.46 13.27 16.68
N PRO A 239 -22.06 14.48 16.73
CA PRO A 239 -23.08 14.84 15.73
C PRO A 239 -22.62 14.67 14.26
N VAL A 240 -21.42 15.14 13.88
CA VAL A 240 -21.06 14.90 12.48
C VAL A 240 -20.84 13.43 12.02
N LEU A 241 -20.29 12.59 12.90
CA LEU A 241 -20.18 11.16 12.55
C LEU A 241 -21.59 10.55 12.48
N GLY A 242 -22.48 11.06 13.34
CA GLY A 242 -23.86 10.61 13.37
C GLY A 242 -24.56 10.82 12.04
N SER A 243 -24.36 12.00 11.45
CA SER A 243 -25.08 12.37 10.23
C SER A 243 -24.46 11.73 9.01
N MET A 244 -23.13 11.64 8.99
CA MET A 244 -22.42 10.99 7.89
C MET A 244 -22.73 9.50 7.84
N ALA A 245 -22.95 8.91 9.01
CA ALA A 245 -23.40 7.53 9.10
C ALA A 245 -24.75 7.34 8.40
N LYS A 246 -25.72 8.17 8.78
CA LYS A 246 -27.03 8.16 8.14
C LYS A 246 -26.94 8.56 6.67
N LYS A 247 -26.12 9.56 6.39
CA LYS A 247 -25.91 10.02 5.02
C LYS A 247 -25.35 8.91 4.14
N TYR A 248 -24.66 7.96 4.76
CA TYR A 248 -24.06 6.84 4.04
C TYR A 248 -24.77 5.53 4.37
N ASN A 249 -25.73 5.60 5.29
CA ASN A 249 -26.23 4.40 5.96
C ASN A 249 -25.11 3.43 6.31
N ARG A 250 -24.01 3.96 6.83
CA ARG A 250 -23.10 3.19 7.66
C ARG A 250 -23.21 3.61 9.13
N THR A 251 -22.36 3.02 9.97
CA THR A 251 -22.30 3.40 11.37
C THR A 251 -21.37 4.58 11.58
N PRO A 252 -21.54 5.27 12.71
CA PRO A 252 -20.56 6.27 13.16
C PRO A 252 -19.17 5.66 13.31
N ALA A 253 -19.10 4.44 13.82
CA ALA A 253 -17.83 3.72 13.91
C ALA A 253 -17.16 3.63 12.54
N LEU A 254 -17.95 3.28 11.52
CA LEU A 254 -17.40 2.94 10.21
C LEU A 254 -16.97 4.20 9.45
N ILE A 255 -17.56 5.33 9.82
CA ILE A 255 -17.12 6.62 9.31
C ILE A 255 -15.72 6.96 9.80
N ALA A 256 -15.49 6.78 11.10
CA ALA A 256 -14.21 7.11 11.72
C ALA A 256 -13.12 6.14 11.26
N LEU A 257 -13.50 4.89 11.05
CA LEU A 257 -12.59 3.90 10.47
C LEU A 257 -12.16 4.31 9.06
N ARG A 258 -13.13 4.71 8.25
CA ARG A 258 -12.88 5.01 6.84
C ARG A 258 -12.12 6.32 6.69
N TYR A 259 -12.43 7.29 7.54
CA TYR A 259 -11.63 8.51 7.65
C TYR A 259 -10.15 8.20 7.64
N GLN A 260 -9.75 7.20 8.43
CA GLN A 260 -8.34 6.93 8.67
C GLN A 260 -7.72 6.26 7.45
N LEU A 261 -8.41 5.24 6.93
CA LEU A 261 -8.02 4.59 5.69
CA LEU A 261 -8.03 4.59 5.69
C LEU A 261 -7.79 5.54 4.52
N GLN A 262 -8.67 6.55 4.34
CA GLN A 262 -8.49 7.43 3.20
C GLN A 262 -7.32 8.40 3.39
N ARG A 263 -6.73 8.32 4.57
CA ARG A 263 -5.59 9.14 4.94
C ARG A 263 -4.27 8.29 4.84
N GLY A 264 -4.37 7.03 4.44
CA GLY A 264 -3.19 6.18 4.35
C GLY A 264 -2.72 5.72 5.75
N ILE A 265 -3.65 5.71 6.71
CA ILE A 265 -3.34 5.23 8.05
C ILE A 265 -3.84 3.81 8.25
N VAL A 266 -2.97 2.96 8.79
CA VAL A 266 -3.36 1.60 9.17
C VAL A 266 -4.20 1.61 10.45
N VAL A 267 -5.36 0.96 10.38
CA VAL A 267 -6.31 1.00 11.48
C VAL A 267 -6.31 -0.30 12.27
N LEU A 268 -6.14 -0.20 13.59
CA LEU A 268 -6.54 -1.26 14.50
C LEU A 268 -7.90 -0.96 15.12
N ASN A 269 -8.74 -1.99 15.23
CA ASN A 269 -9.98 -1.89 15.96
C ASN A 269 -10.30 -3.17 16.77
N THR A 270 -11.06 -3.05 17.85
CA THR A 270 -11.48 -4.27 18.60
C THR A 270 -12.94 -4.19 18.96
N SER A 271 -13.47 -5.32 19.39
CA SER A 271 -14.79 -5.40 19.94
C SER A 271 -15.01 -6.72 20.63
N LEU A 272 -15.85 -6.72 21.65
CA LEU A 272 -16.29 -7.98 22.27
C LEU A 272 -17.43 -8.64 21.46
N LYS A 273 -18.08 -7.87 20.59
CA LYS A 273 -19.28 -8.35 19.88
C LYS A 273 -18.92 -8.76 18.49
N GLU A 274 -19.23 -10.03 18.17
CA GLU A 274 -19.03 -10.58 16.86
C GLU A 274 -19.64 -9.77 15.73
N GLU A 275 -20.86 -9.30 15.90
CA GLU A 275 -21.49 -8.52 14.84
C GLU A 275 -20.65 -7.26 14.62
N ARG A 276 -20.10 -6.71 15.70
CA ARG A 276 -19.24 -5.54 15.61
C ARG A 276 -17.94 -5.86 14.87
N ILE A 277 -17.34 -7.00 15.21
CA ILE A 277 -16.10 -7.43 14.56
C ILE A 277 -16.29 -7.59 13.06
N LYS A 278 -17.45 -8.12 12.67
CA LYS A 278 -17.71 -8.41 11.26
C LYS A 278 -17.92 -7.12 10.47
N GLU A 279 -18.60 -6.16 11.09
CA GLU A 279 -18.87 -4.85 10.43
C GLU A 279 -17.63 -4.11 9.94
N ASN A 280 -16.50 -4.31 10.59
CA ASN A 280 -15.24 -3.70 10.18
C ASN A 280 -14.91 -3.85 8.72
N MET A 281 -15.21 -4.99 8.12
CA MET A 281 -14.93 -5.20 6.68
C MET A 281 -15.78 -4.33 5.80
N GLN A 282 -16.77 -3.67 6.39
CA GLN A 282 -17.58 -2.73 5.61
C GLN A 282 -16.76 -1.52 5.19
N VAL A 283 -15.65 -1.31 5.88
CA VAL A 283 -14.80 -0.18 5.69
C VAL A 283 -14.24 -0.20 4.28
N PHE A 284 -14.15 -1.43 3.69
CA PHE A 284 -13.76 -1.63 2.27
C PHE A 284 -14.86 -1.38 1.21
N GLU A 285 -16.09 -1.10 1.69
CA GLU A 285 -17.33 -1.17 0.85
C GLU A 285 -17.81 0.17 0.32
N PHE A 286 -17.39 1.26 0.97
CA PHE A 286 -17.74 2.62 0.61
C PHE A 286 -16.52 3.55 0.67
N GLN A 287 -16.82 4.84 0.44
CA GLN A 287 -15.86 5.92 0.35
C GLN A 287 -16.50 7.21 0.84
N LEU A 288 -15.70 7.98 1.58
CA LEU A 288 -16.08 9.32 1.97
C LEU A 288 -15.61 10.24 0.86
N SER A 289 -16.32 11.35 0.71
CA SER A 289 -16.04 12.32 -0.34
C SER A 289 -14.94 13.31 0.12
N SER A 290 -14.22 13.92 -0.81
CA SER A 290 -13.27 14.98 -0.46
C SER A 290 -13.84 15.96 0.53
N GLU A 291 -15.09 16.38 0.35
CA GLU A 291 -15.63 17.32 1.33
C GLU A 291 -15.95 16.76 2.69
N ASP A 292 -16.49 15.55 2.75
CA ASP A 292 -16.69 14.86 4.02
C ASP A 292 -15.35 14.65 4.77
N MET A 293 -14.30 14.33 4.00
CA MET A 293 -12.95 14.14 4.55
C MET A 293 -12.48 15.44 5.21
N LYS A 294 -12.77 16.56 4.56
CA LYS A 294 -12.39 17.87 5.05
C LYS A 294 -13.25 18.37 6.22
N VAL A 295 -14.53 18.04 6.21
CA VAL A 295 -15.36 18.24 7.38
C VAL A 295 -14.81 17.43 8.58
N LEU A 296 -14.60 16.13 8.39
CA LEU A 296 -14.06 15.26 9.42
C LEU A 296 -12.71 15.76 9.98
N ASP A 297 -11.81 16.25 9.10
CA ASP A 297 -10.58 17.00 9.49
C ASP A 297 -10.88 18.14 10.45
N GLY A 298 -12.10 18.70 10.39
CA GLY A 298 -12.47 19.85 11.24
C GLY A 298 -12.83 19.49 12.66
N LEU A 299 -13.05 18.22 12.91
CA LEU A 299 -13.35 17.75 14.27
C LEU A 299 -12.16 17.76 15.28
N ASN A 300 -10.96 17.98 14.78
CA ASN A 300 -9.75 17.78 15.62
C ASN A 300 -9.78 18.66 16.86
N ARG A 301 -9.78 18.09 18.05
CA ARG A 301 -9.85 18.97 19.24
C ARG A 301 -8.77 18.69 20.33
N ASN A 302 -7.65 18.12 19.88
CA ASN A 302 -6.58 17.65 20.79
C ASN A 302 -7.12 16.83 21.99
N MET A 303 -7.94 15.83 21.69
CA MET A 303 -8.55 15.00 22.71
C MET A 303 -7.85 13.67 22.85
N ARG A 304 -7.07 13.52 23.91
CA ARG A 304 -6.24 12.33 24.09
C ARG A 304 -6.83 11.41 25.16
N TYR A 305 -7.53 10.37 24.72
CA TYR A 305 -8.25 9.49 25.62
C TYR A 305 -7.30 8.52 26.32
N ILE A 306 -6.09 8.41 25.80
CA ILE A 306 -5.15 7.39 26.27
C ILE A 306 -3.78 8.01 26.54
N PRO A 307 -3.68 8.78 27.62
CA PRO A 307 -2.52 9.64 27.87
C PRO A 307 -1.47 8.93 28.71
N ALA A 308 -1.82 7.76 29.26
CA ALA A 308 -0.89 7.01 30.09
C ALA A 308 -0.43 7.82 31.29
N ALA A 309 -1.36 8.11 32.19
CA ALA A 309 -1.19 9.19 33.15
C ALA A 309 -0.19 8.82 34.23
N ILE A 310 -0.14 7.53 34.56
CA ILE A 310 0.78 7.03 35.59
C ILE A 310 2.23 7.22 35.17
N PHE A 311 2.44 7.40 33.86
CA PHE A 311 3.78 7.63 33.34
C PHE A 311 4.10 9.11 33.28
N LYS A 312 3.14 9.94 33.70
CA LYS A 312 3.14 11.35 33.35
C LYS A 312 4.42 12.03 33.83
N GLY A 313 5.00 11.52 34.91
CA GLY A 313 6.16 12.13 35.52
C GLY A 313 7.47 11.55 35.04
N HIS A 314 7.37 10.58 34.12
CA HIS A 314 8.54 10.03 33.46
C HIS A 314 9.18 11.06 32.53
N PRO A 315 10.50 11.22 32.65
CA PRO A 315 11.23 12.13 31.82
C PRO A 315 10.98 11.96 30.33
N ASN A 316 10.58 10.75 29.90
CA ASN A 316 10.44 10.50 28.49
C ASN A 316 8.98 10.41 28.10
N TRP A 317 8.12 11.01 28.93
CA TRP A 317 6.69 10.93 28.64
C TRP A 317 6.41 11.56 27.28
N PRO A 318 5.79 10.79 26.36
CA PRO A 318 5.78 11.33 25.00
C PRO A 318 4.76 12.46 24.77
N PHE A 319 3.88 12.73 25.72
CA PHE A 319 2.68 13.46 25.31
C PHE A 319 2.66 14.94 25.68
N LEU A 320 3.87 15.42 26.02
CA LEU A 320 4.12 16.81 26.42
C LEU A 320 4.39 17.74 25.19
N ASP A 321 5.32 17.34 24.32
CA ASP A 321 5.58 18.07 23.09
C ASP A 321 4.28 18.18 22.37
N GLU A 322 4.23 19.14 21.43
CA GLU A 322 2.99 19.38 20.66
C GLU A 322 2.57 18.12 19.89
N TYR A 323 3.56 17.48 19.26
CA TYR A 323 3.44 16.22 18.50
C TYR A 323 4.87 15.65 18.43
N SER B 3 -11.66 -9.44 -2.32
CA SER B 3 -10.70 -10.01 -1.32
C SER B 3 -9.88 -11.25 -1.73
N LYS B 4 -9.90 -11.59 -3.02
CA LYS B 4 -8.89 -12.48 -3.59
C LYS B 4 -7.65 -11.71 -4.01
N CYS B 5 -7.58 -10.47 -3.61
CA CYS B 5 -6.43 -9.62 -3.88
C CYS B 5 -5.89 -9.05 -2.57
N HIS B 6 -4.64 -9.39 -2.25
CA HIS B 6 -3.49 -8.86 -2.97
C HIS B 6 -3.58 -7.43 -3.49
N CYS B 7 -3.99 -6.51 -2.61
CA CYS B 7 -4.22 -5.13 -3.00
C CYS B 7 -3.34 -4.17 -2.20
N VAL B 8 -3.14 -2.97 -2.74
CA VAL B 8 -2.73 -1.83 -1.94
C VAL B 8 -3.47 -0.56 -2.35
N ILE B 9 -3.25 0.51 -1.59
CA ILE B 9 -4.16 1.65 -1.62
C ILE B 9 -3.57 2.80 -2.43
N LEU B 10 -4.38 3.38 -3.32
CA LEU B 10 -4.06 4.65 -3.94
C LEU B 10 -4.55 5.82 -3.11
N ASN B 11 -4.20 7.04 -3.52
CA ASN B 11 -4.28 8.22 -2.63
C ASN B 11 -5.67 8.75 -2.57
N ASP B 12 -6.56 8.23 -3.44
CA ASP B 12 -7.97 8.58 -3.42
C ASP B 12 -8.80 7.56 -2.58
N GLY B 13 -8.12 6.63 -1.94
CA GLY B 13 -8.78 5.62 -1.14
C GLY B 13 -9.12 4.31 -1.85
N ASN B 14 -8.91 4.24 -3.15
CA ASN B 14 -9.14 3.01 -3.90
C ASN B 14 -7.94 2.07 -3.85
N PHE B 15 -8.21 0.77 -4.02
CA PHE B 15 -7.15 -0.23 -3.98
C PHE B 15 -6.85 -0.78 -5.37
N ILE B 16 -5.59 -1.14 -5.61
CA ILE B 16 -5.18 -1.70 -6.88
C ILE B 16 -4.32 -2.94 -6.69
N PRO B 17 -4.64 -3.99 -7.42
CA PRO B 17 -3.84 -5.23 -7.40
C PRO B 17 -2.42 -4.98 -7.87
N VAL B 18 -1.45 -5.45 -7.09
CA VAL B 18 -0.07 -5.04 -7.25
C VAL B 18 0.60 -5.73 -8.43
N LEU B 19 -0.02 -6.77 -8.95
CA LEU B 19 0.36 -7.42 -10.14
C LEU B 19 -0.77 -7.21 -11.17
N GLY B 20 -0.47 -6.71 -12.36
CA GLY B 20 -1.54 -6.57 -13.37
C GLY B 20 -1.13 -7.18 -14.66
N PHE B 21 -2.10 -7.38 -15.55
CA PHE B 21 -1.83 -7.98 -16.85
C PHE B 21 -2.04 -6.97 -17.97
N GLY B 22 -1.02 -6.81 -18.81
CA GLY B 22 -1.09 -5.86 -19.91
C GLY B 22 -1.66 -6.48 -21.18
N THR B 23 -2.46 -5.71 -21.90
CA THR B 23 -3.28 -6.26 -22.97
C THR B 23 -2.89 -5.65 -24.33
N ALA B 24 -1.79 -4.91 -24.34
CA ALA B 24 -1.10 -4.60 -25.59
C ALA B 24 -0.47 -5.85 -26.20
N LEU B 25 -0.77 -6.11 -27.45
CA LEU B 25 -0.23 -7.27 -28.16
C LEU B 25 0.93 -6.86 -29.08
N PRO B 26 1.69 -7.86 -29.52
CA PRO B 26 2.60 -7.67 -30.66
C PRO B 26 1.75 -7.30 -31.86
N LEU B 27 2.33 -6.50 -32.77
CA LEU B 27 1.70 -6.21 -34.06
C LEU B 27 1.10 -7.44 -34.74
N GLU B 28 1.68 -8.60 -34.49
CA GLU B 28 1.44 -9.73 -35.38
C GLU B 28 0.07 -10.35 -35.10
N CYS B 29 -0.31 -10.39 -33.83
CA CYS B 29 -1.46 -11.18 -33.40
C CYS B 29 -2.77 -10.57 -33.91
N PRO B 30 -3.82 -11.39 -33.97
CA PRO B 30 -5.19 -10.87 -34.13
C PRO B 30 -5.73 -10.24 -32.82
N LYS B 31 -6.47 -9.13 -32.97
CA LYS B 31 -6.87 -8.37 -31.79
C LYS B 31 -7.63 -9.30 -30.84
N SER B 32 -8.41 -10.21 -31.43
CA SER B 32 -9.06 -11.32 -30.71
C SER B 32 -8.16 -12.23 -29.84
N LYS B 33 -6.84 -12.19 -30.03
CA LYS B 33 -5.93 -12.96 -29.16
C LYS B 33 -6.03 -12.45 -27.72
N ALA B 34 -6.39 -11.16 -27.55
CA ALA B 34 -6.56 -10.52 -26.25
C ALA B 34 -7.67 -11.15 -25.41
N LYS B 35 -8.72 -11.64 -26.06
CA LYS B 35 -9.82 -12.30 -25.33
C LYS B 35 -9.37 -13.59 -24.69
N GLU B 36 -8.74 -14.47 -25.45
CA GLU B 36 -8.21 -15.71 -24.89
C GLU B 36 -7.19 -15.55 -23.77
N LEU B 37 -6.21 -14.67 -23.98
CA LEU B 37 -5.20 -14.35 -22.94
C LEU B 37 -5.85 -13.78 -21.66
N THR B 38 -6.80 -12.87 -21.86
CA THR B 38 -7.52 -12.29 -20.71
C THR B 38 -8.29 -13.36 -20.01
N LYS B 39 -8.88 -14.28 -20.76
CA LYS B 39 -9.57 -15.40 -20.10
C LYS B 39 -8.61 -16.26 -19.30
N ILE B 40 -7.48 -16.55 -19.93
CA ILE B 40 -6.44 -17.33 -19.26
C ILE B 40 -5.96 -16.66 -17.99
N ALA B 41 -5.68 -15.35 -18.07
CA ALA B 41 -5.10 -14.58 -16.94
C ALA B 41 -6.07 -14.54 -15.82
N ILE B 42 -7.34 -14.43 -16.15
CA ILE B 42 -8.34 -14.49 -15.09
C ILE B 42 -8.37 -15.81 -14.34
N ASP B 43 -8.25 -16.91 -15.07
CA ASP B 43 -8.26 -18.22 -14.48
C ASP B 43 -7.01 -18.42 -13.63
N ALA B 44 -5.88 -17.89 -14.09
CA ALA B 44 -4.67 -17.82 -13.25
C ALA B 44 -4.74 -16.94 -11.98
N GLY B 45 -5.83 -16.18 -11.76
CA GLY B 45 -5.97 -15.34 -10.53
C GLY B 45 -5.62 -13.83 -10.68
N PHE B 46 -5.42 -13.39 -11.90
CA PHE B 46 -5.25 -11.95 -12.22
C PHE B 46 -6.59 -11.23 -12.07
N HIS B 47 -6.56 -10.07 -11.43
CA HIS B 47 -7.74 -9.23 -11.31
C HIS B 47 -7.52 -7.89 -12.03
N HIS B 48 -6.26 -7.52 -12.22
CA HIS B 48 -5.91 -6.18 -12.68
C HIS B 48 -5.42 -6.20 -14.13
N PHE B 49 -6.16 -5.52 -15.00
CA PHE B 49 -5.86 -5.54 -16.43
C PHE B 49 -5.70 -4.12 -16.97
N ASP B 50 -4.59 -3.89 -17.69
CA ASP B 50 -4.23 -2.54 -18.12
C ASP B 50 -4.30 -2.41 -19.63
N SER B 51 -5.31 -1.67 -20.11
CA SER B 51 -5.49 -1.48 -21.55
C SER B 51 -5.58 0.00 -21.89
N ALA B 52 -5.45 0.30 -23.18
CA ALA B 52 -5.57 1.67 -23.67
C ALA B 52 -6.39 1.73 -24.95
N SER B 53 -7.09 2.85 -25.16
CA SER B 53 -7.80 3.09 -26.41
C SER B 53 -6.94 2.74 -27.62
N VAL B 54 -5.70 3.20 -27.59
CA VAL B 54 -4.74 2.92 -28.69
C VAL B 54 -4.39 1.41 -28.96
N TYR B 55 -4.64 0.53 -28.00
CA TYR B 55 -4.26 -0.89 -28.18
C TYR B 55 -5.27 -1.64 -29.07
N ASN B 56 -6.47 -1.07 -29.16
CA ASN B 56 -7.62 -1.63 -29.88
C ASN B 56 -7.95 -3.08 -29.45
N THR B 57 -7.71 -3.42 -28.18
CA THR B 57 -8.00 -4.77 -27.68
C THR B 57 -9.17 -4.69 -26.68
N GLU B 58 -9.64 -3.48 -26.41
CA GLU B 58 -10.72 -3.20 -25.46
C GLU B 58 -12.02 -3.90 -25.73
N ASP B 59 -12.47 -4.04 -26.97
CA ASP B 59 -13.65 -4.92 -27.16
C ASP B 59 -13.34 -6.33 -26.64
N HIS B 60 -12.24 -6.92 -27.10
CA HIS B 60 -11.88 -8.31 -26.83
C HIS B 60 -11.66 -8.55 -25.36
N VAL B 61 -10.86 -7.70 -24.71
CA VAL B 61 -10.64 -7.77 -23.25
C VAL B 61 -11.94 -7.62 -22.45
N GLY B 62 -12.85 -6.74 -22.87
CA GLY B 62 -14.12 -6.64 -22.18
C GLY B 62 -15.11 -7.78 -22.33
N GLU B 63 -15.05 -8.48 -23.43
CA GLU B 63 -15.88 -9.66 -23.67
C GLU B 63 -15.37 -10.81 -22.82
N ALA B 64 -14.05 -10.97 -22.75
CA ALA B 64 -13.44 -11.92 -21.83
C ALA B 64 -13.82 -11.71 -20.36
N ILE B 65 -13.71 -10.46 -19.86
CA ILE B 65 -14.08 -10.13 -18.48
C ILE B 65 -15.62 -10.30 -18.17
N ARG B 66 -16.46 -9.82 -19.10
CA ARG B 66 -17.91 -10.09 -19.01
C ARG B 66 -18.35 -11.57 -19.07
N SER B 67 -17.61 -12.37 -19.82
CA SER B 67 -17.80 -13.81 -19.86
C SER B 67 -17.48 -14.49 -18.51
N LYS B 68 -16.39 -14.06 -17.86
CA LYS B 68 -15.94 -14.51 -16.51
C LYS B 68 -16.79 -13.98 -15.35
N ILE B 69 -17.45 -12.85 -15.61
CA ILE B 69 -18.44 -12.36 -14.69
C ILE B 69 -19.74 -13.16 -14.89
N ALA B 70 -20.17 -13.36 -16.13
CA ALA B 70 -21.37 -14.21 -16.46
C ALA B 70 -21.33 -15.65 -15.86
N ASP B 71 -20.21 -16.34 -16.04
CA ASP B 71 -20.07 -17.71 -15.56
C ASP B 71 -19.56 -17.74 -14.12
N GLY B 72 -19.50 -16.56 -13.49
CA GLY B 72 -19.49 -16.47 -12.05
C GLY B 72 -18.11 -16.58 -11.47
N THR B 73 -17.11 -16.55 -12.33
CA THR B 73 -15.71 -16.73 -11.91
C THR B 73 -15.22 -15.53 -11.12
N VAL B 74 -15.51 -14.33 -11.62
CA VAL B 74 -15.29 -13.10 -10.86
C VAL B 74 -16.56 -12.27 -10.79
N ARG B 75 -16.60 -11.33 -9.85
CA ARG B 75 -17.49 -10.18 -9.94
C ARG B 75 -16.76 -8.98 -10.56
N ARG B 76 -17.54 -8.04 -11.08
CA ARG B 76 -16.99 -6.83 -11.68
C ARG B 76 -16.17 -6.02 -10.67
N GLU B 77 -16.68 -5.94 -9.44
CA GLU B 77 -16.02 -5.17 -8.38
C GLU B 77 -14.64 -5.77 -7.98
N ASP B 78 -14.40 -7.06 -8.29
CA ASP B 78 -13.14 -7.80 -8.15
C ASP B 78 -12.18 -7.55 -9.32
N ILE B 79 -12.59 -6.83 -10.34
CA ILE B 79 -11.76 -6.64 -11.54
C ILE B 79 -11.23 -5.22 -11.42
N PHE B 80 -9.94 -5.03 -11.71
CA PHE B 80 -9.34 -3.70 -11.80
C PHE B 80 -8.95 -3.48 -13.27
N TYR B 81 -9.75 -2.68 -13.97
CA TYR B 81 -9.52 -2.38 -15.39
C TYR B 81 -9.00 -0.92 -15.60
N THR B 82 -7.91 -0.80 -16.33
CA THR B 82 -7.38 0.50 -16.62
C THR B 82 -7.53 0.82 -18.12
N SER B 83 -7.91 2.05 -18.45
CA SER B 83 -7.78 2.53 -19.83
C SER B 83 -6.87 3.77 -19.85
N LYS B 84 -6.65 4.35 -21.03
CA LYS B 84 -5.75 5.49 -21.16
C LYS B 84 -6.21 6.24 -22.36
N VAL B 85 -6.28 7.56 -22.23
CA VAL B 85 -6.64 8.42 -23.36
C VAL B 85 -5.34 8.62 -24.17
N TRP B 86 -5.44 8.52 -25.49
CA TRP B 86 -4.28 8.58 -26.36
C TRP B 86 -3.96 10.03 -26.75
N CYS B 87 -2.87 10.21 -27.48
CA CYS B 87 -2.31 11.54 -27.70
C CYS B 87 -3.23 12.38 -28.57
N THR B 88 -4.04 11.73 -29.39
CA THR B 88 -4.96 12.41 -30.29
C THR B 88 -6.16 12.95 -29.53
N SER B 89 -6.25 12.63 -28.25
CA SER B 89 -7.48 12.82 -27.49
C SER B 89 -7.21 13.55 -26.19
N LEU B 90 -6.28 14.49 -26.21
CA LEU B 90 -5.79 15.13 -25.00
C LEU B 90 -6.41 16.51 -24.81
N HIS B 91 -6.88 17.10 -25.90
CA HIS B 91 -7.80 18.23 -25.84
C HIS B 91 -8.92 17.95 -24.85
N PRO B 92 -9.06 18.82 -23.86
CA PRO B 92 -9.85 18.53 -22.66
C PRO B 92 -11.32 18.28 -22.99
N GLU B 93 -11.69 18.56 -24.24
CA GLU B 93 -13.06 18.32 -24.70
C GLU B 93 -13.19 16.96 -25.38
N LEU B 94 -12.06 16.32 -25.62
CA LEU B 94 -12.04 15.01 -26.26
C LEU B 94 -11.81 13.90 -25.24
N VAL B 95 -11.47 14.28 -24.02
CA VAL B 95 -11.05 13.33 -23.00
C VAL B 95 -12.20 12.44 -22.56
N ARG B 96 -13.36 13.05 -22.34
CA ARG B 96 -14.54 12.32 -21.86
C ARG B 96 -15.12 11.43 -22.95
N ALA B 97 -15.07 11.92 -24.19
CA ALA B 97 -15.52 11.14 -25.33
C ALA B 97 -14.66 9.91 -25.67
N SER B 98 -13.35 9.97 -25.37
CA SER B 98 -12.54 8.78 -25.58
C SER B 98 -12.90 7.71 -24.53
N LEU B 99 -13.07 8.13 -23.30
CA LEU B 99 -13.48 7.26 -22.23
C LEU B 99 -14.84 6.58 -22.53
N GLU B 100 -15.85 7.39 -22.88
CA GLU B 100 -17.22 6.88 -23.18
C GLU B 100 -17.19 5.90 -24.29
N ARG B 101 -16.32 6.16 -25.27
CA ARG B 101 -16.19 5.27 -26.41
C ARG B 101 -15.52 3.92 -26.04
N SER B 102 -14.51 3.99 -25.15
CA SER B 102 -13.95 2.80 -24.50
C SER B 102 -14.97 2.04 -23.65
N LEU B 103 -15.78 2.68 -22.84
CA LEU B 103 -16.81 1.98 -22.05
C LEU B 103 -17.92 1.27 -22.89
N GLN B 104 -18.28 1.88 -24.02
CA GLN B 104 -19.15 1.26 -25.06
C GLN B 104 -18.50 0.00 -25.69
N LYS B 105 -17.25 0.13 -26.12
CA LYS B 105 -16.47 -1.02 -26.57
C LYS B 105 -16.46 -2.13 -25.52
N LEU B 106 -16.28 -1.74 -24.26
CA LEU B 106 -16.20 -2.68 -23.16
C LEU B 106 -17.58 -3.21 -22.78
N GLN B 107 -18.58 -2.35 -22.89
CA GLN B 107 -19.83 -2.53 -22.15
C GLN B 107 -19.60 -2.50 -20.65
N PHE B 108 -18.81 -1.53 -20.19
CA PHE B 108 -18.77 -1.16 -18.78
C PHE B 108 -19.55 0.13 -18.53
N ASP B 109 -19.86 0.39 -17.26
CA ASP B 109 -20.33 1.69 -16.85
C ASP B 109 -19.18 2.56 -16.31
N TYR B 110 -18.10 1.89 -15.91
CA TYR B 110 -16.87 2.59 -15.56
C TYR B 110 -15.65 1.77 -15.93
N VAL B 111 -14.48 2.41 -15.92
CA VAL B 111 -13.21 1.71 -15.71
C VAL B 111 -12.67 1.97 -14.32
N ASP B 112 -11.67 1.18 -13.92
CA ASP B 112 -11.12 1.26 -12.57
C ASP B 112 -10.04 2.32 -12.48
N LEU B 113 -9.37 2.57 -13.60
CA LEU B 113 -8.30 3.58 -13.64
C LEU B 113 -8.14 4.14 -15.04
N TYR B 114 -7.84 5.43 -15.12
CA TYR B 114 -7.88 6.15 -16.39
C TYR B 114 -6.72 7.14 -16.49
N LEU B 115 -5.81 6.89 -17.42
CA LEU B 115 -4.52 7.58 -17.45
C LEU B 115 -4.46 8.60 -18.57
N ILE B 116 -3.52 9.53 -18.47
CA ILE B 116 -2.92 10.15 -19.64
C ILE B 116 -1.74 9.34 -20.14
N HIS B 117 -1.82 8.87 -21.38
CA HIS B 117 -0.95 7.80 -21.86
C HIS B 117 0.48 8.31 -22.03
N TYR B 118 0.62 9.40 -22.78
CA TYR B 118 1.83 10.22 -22.71
C TYR B 118 1.52 11.65 -22.30
N PRO B 119 2.57 12.46 -22.17
CA PRO B 119 2.41 13.90 -21.90
C PRO B 119 2.28 14.79 -23.13
N MET B 120 1.93 14.19 -24.27
CA MET B 120 2.21 14.72 -25.60
C MET B 120 0.97 14.61 -26.49
N ALA B 121 0.56 15.74 -27.06
CA ALA B 121 -0.62 15.80 -27.90
C ALA B 121 -0.27 15.55 -29.37
N LEU B 122 -1.12 14.82 -30.07
CA LEU B 122 -1.03 14.70 -31.52
C LEU B 122 -2.27 15.27 -32.20
N LYS B 123 -2.18 15.49 -33.51
CA LYS B 123 -3.34 15.90 -34.30
C LYS B 123 -4.56 15.06 -33.95
N PRO B 124 -5.64 15.74 -33.55
CA PRO B 124 -6.94 15.08 -33.36
C PRO B 124 -7.40 14.36 -34.61
N GLY B 125 -7.98 13.18 -34.44
CA GLY B 125 -8.31 12.33 -35.57
C GLY B 125 -8.51 10.88 -35.16
N GLU B 126 -9.17 10.11 -36.02
CA GLU B 126 -9.13 8.65 -35.94
C GLU B 126 -7.70 8.14 -35.94
N GLU B 127 -6.91 8.61 -36.91
CA GLU B 127 -5.52 8.22 -37.02
C GLU B 127 -4.75 8.43 -35.71
N ASN B 128 -4.18 7.33 -35.25
CA ASN B 128 -3.49 7.30 -33.99
C ASN B 128 -2.11 7.86 -34.10
N PHE B 129 -1.51 7.66 -35.25
CA PHE B 129 -0.16 8.22 -35.55
C PHE B 129 -0.14 9.08 -36.81
N PRO B 130 -0.80 10.25 -36.77
CA PRO B 130 -0.87 11.16 -37.97
C PRO B 130 0.49 11.70 -38.34
N VAL B 131 0.92 11.49 -39.58
CA VAL B 131 2.22 11.98 -40.08
C VAL B 131 1.95 12.91 -41.25
N ASP B 132 2.94 13.74 -41.58
CA ASP B 132 2.93 14.46 -42.85
C ASP B 132 3.56 13.63 -43.97
N GLU B 133 3.55 14.18 -45.18
CA GLU B 133 4.05 13.46 -46.35
C GLU B 133 5.43 12.88 -46.08
N HIS B 134 6.18 13.52 -45.18
CA HIS B 134 7.55 13.12 -44.91
C HIS B 134 7.62 12.17 -43.72
N GLY B 135 6.47 11.66 -43.30
CA GLY B 135 6.42 10.62 -42.30
C GLY B 135 6.72 11.14 -40.91
N LYS B 136 6.72 12.46 -40.76
CA LYS B 136 6.93 13.09 -39.45
C LYS B 136 5.60 13.18 -38.79
N LEU B 137 5.54 12.75 -37.55
CA LEU B 137 4.31 12.81 -36.73
C LEU B 137 3.80 14.23 -36.62
N ILE B 138 2.48 14.40 -36.53
CA ILE B 138 1.95 15.77 -36.40
C ILE B 138 1.64 16.08 -34.97
N PHE B 139 2.55 16.78 -34.30
CA PHE B 139 2.36 17.13 -32.90
C PHE B 139 1.31 18.18 -32.91
N ASP B 140 0.72 18.36 -31.75
CA ASP B 140 -0.26 19.34 -31.50
C ASP B 140 0.08 19.86 -30.12
N ARG B 141 -0.61 20.89 -29.73
CA ARG B 141 -0.25 21.64 -28.54
C ARG B 141 -1.37 21.56 -27.52
N VAL B 142 -1.08 21.14 -26.29
CA VAL B 142 -2.14 21.08 -25.27
C VAL B 142 -1.74 21.65 -23.93
N ASP B 143 -2.74 22.08 -23.17
CA ASP B 143 -2.54 22.44 -21.77
C ASP B 143 -2.94 21.30 -20.85
N LEU B 144 -1.94 20.60 -20.32
CA LEU B 144 -2.17 19.31 -19.67
C LEU B 144 -2.88 19.50 -18.33
N CYS B 145 -2.73 20.67 -17.74
CA CYS B 145 -3.55 21.07 -16.60
C CYS B 145 -5.03 21.11 -16.97
N ALA B 146 -5.31 21.24 -18.26
CA ALA B 146 -6.69 21.28 -18.75
C ALA B 146 -7.17 19.90 -19.16
N THR B 147 -6.24 19.07 -19.60
CA THR B 147 -6.51 17.69 -19.81
C THR B 147 -6.81 17.09 -18.47
N TRP B 148 -6.01 17.46 -17.46
CA TRP B 148 -6.19 16.91 -16.11
C TRP B 148 -7.54 17.21 -15.51
N GLU B 149 -7.98 18.46 -15.70
CA GLU B 149 -9.28 19.00 -15.29
C GLU B 149 -10.39 18.07 -15.79
N ALA B 150 -10.37 17.82 -17.10
CA ALA B 150 -11.25 16.90 -17.80
C ALA B 150 -11.18 15.45 -17.30
N MET B 151 -9.99 15.02 -16.87
CA MET B 151 -9.80 13.69 -16.26
C MET B 151 -10.51 13.68 -14.91
N GLU B 152 -10.36 14.77 -14.12
CA GLU B 152 -11.07 14.91 -12.83
C GLU B 152 -12.61 14.91 -12.96
N LYS B 153 -13.17 15.56 -13.97
CA LYS B 153 -14.61 15.53 -14.21
C LYS B 153 -15.09 14.11 -14.52
N CYS B 154 -14.32 13.36 -15.34
CA CYS B 154 -14.50 11.91 -15.50
C CYS B 154 -14.68 11.11 -14.23
N LYS B 155 -13.85 11.37 -13.24
CA LYS B 155 -14.01 10.65 -11.96
C LYS B 155 -15.21 11.17 -11.13
N ASP B 156 -15.58 12.45 -11.24
CA ASP B 156 -16.76 12.95 -10.47
C ASP B 156 -18.05 12.41 -11.12
N ALA B 157 -18.03 12.20 -12.44
CA ALA B 157 -19.13 11.62 -13.17
C ALA B 157 -19.31 10.10 -12.97
N GLY B 158 -18.45 9.48 -12.18
CA GLY B 158 -18.53 8.04 -11.91
C GLY B 158 -18.01 7.09 -12.97
N LEU B 159 -17.60 7.63 -14.13
CA LEU B 159 -16.97 6.91 -15.28
C LEU B 159 -15.59 6.22 -15.08
N THR B 160 -14.77 6.74 -14.17
CA THR B 160 -13.52 6.06 -13.78
C THR B 160 -13.53 6.21 -12.28
N LYS B 161 -13.08 5.23 -11.52
CA LYS B 161 -12.95 5.52 -10.09
C LYS B 161 -11.69 6.32 -9.65
N SER B 162 -10.59 6.20 -10.40
CA SER B 162 -9.32 6.84 -10.10
C SER B 162 -8.70 7.43 -11.35
N ILE B 163 -7.87 8.46 -11.17
CA ILE B 163 -7.20 9.09 -12.36
C ILE B 163 -5.69 9.08 -12.17
N GLY B 164 -4.93 8.92 -13.27
CA GLY B 164 -3.47 8.98 -13.22
C GLY B 164 -2.79 9.37 -14.53
N VAL B 165 -1.48 9.16 -14.59
CA VAL B 165 -0.72 9.57 -15.76
C VAL B 165 0.26 8.50 -16.05
N SER B 166 0.83 8.57 -17.26
CA SER B 166 1.75 7.56 -17.68
C SER B 166 2.83 8.29 -18.40
N ASN B 167 4.11 7.92 -18.11
CA ASN B 167 5.29 8.46 -18.81
C ASN B 167 5.52 9.95 -18.57
N PHE B 168 5.18 10.43 -17.38
CA PHE B 168 5.48 11.80 -16.99
C PHE B 168 6.79 11.82 -16.27
N ASN B 169 7.60 12.82 -16.53
CA ASN B 169 8.78 13.05 -15.71
C ASN B 169 8.39 13.79 -14.44
N TYR B 170 9.35 14.07 -13.59
CA TYR B 170 9.02 14.65 -12.33
C TYR B 170 8.45 16.08 -12.49
N ARG B 171 8.98 16.87 -13.45
CA ARG B 171 8.58 18.28 -13.67
C ARG B 171 7.22 18.34 -14.35
N GLN B 172 6.92 17.37 -15.20
CA GLN B 172 5.58 17.25 -15.69
C GLN B 172 4.56 16.90 -14.56
N LEU B 173 4.94 16.03 -13.62
CA LEU B 173 4.07 15.66 -12.50
C LEU B 173 3.85 16.85 -11.56
N GLU B 174 4.93 17.57 -11.23
CA GLU B 174 4.83 18.85 -10.51
C GLU B 174 3.83 19.86 -11.07
N MET B 175 3.92 20.12 -12.37
CA MET B 175 3.02 20.94 -13.15
C MET B 175 1.58 20.67 -12.74
N ILE B 176 1.28 19.37 -12.59
CA ILE B 176 -0.07 18.97 -12.22
C ILE B 176 -0.33 19.16 -10.73
N LEU B 177 0.62 18.72 -9.92
CA LEU B 177 0.45 18.76 -8.48
C LEU B 177 0.39 20.15 -7.91
N ASN B 178 1.06 21.07 -8.56
CA ASN B 178 1.08 22.47 -8.16
C ASN B 178 -0.02 23.30 -8.79
N LYS B 179 -0.88 22.68 -9.61
CA LYS B 179 -2.00 23.41 -10.29
C LYS B 179 -2.94 24.06 -9.26
N PRO B 180 -3.24 25.36 -9.44
CA PRO B 180 -4.24 25.89 -8.48
C PRO B 180 -5.62 25.27 -8.71
N GLY B 181 -6.31 25.01 -7.62
CA GLY B 181 -7.61 24.40 -7.68
C GLY B 181 -7.67 22.89 -7.89
N LEU B 182 -6.49 22.24 -7.84
CA LEU B 182 -6.41 20.81 -8.07
C LEU B 182 -7.46 20.02 -7.22
N LYS B 183 -8.29 19.17 -7.84
CA LYS B 183 -9.16 18.32 -7.03
C LYS B 183 -8.48 16.99 -6.67
N TYR B 184 -8.03 16.27 -7.69
CA TYR B 184 -7.46 14.94 -7.50
C TYR B 184 -6.03 14.88 -8.01
N LYS B 185 -5.10 14.54 -7.12
CA LYS B 185 -3.78 14.07 -7.52
C LYS B 185 -3.86 12.85 -8.42
N PRO B 186 -2.92 12.73 -9.35
CA PRO B 186 -2.60 11.43 -9.96
C PRO B 186 -2.39 10.35 -8.90
N VAL B 187 -3.02 9.20 -9.09
CA VAL B 187 -2.83 8.07 -8.19
C VAL B 187 -1.50 7.37 -8.46
N CYS B 188 -1.06 7.40 -9.71
CA CYS B 188 0.02 6.56 -10.16
C CYS B 188 0.75 7.32 -11.27
N ASN B 189 1.96 6.89 -11.58
CA ASN B 189 2.62 7.28 -12.82
C ASN B 189 3.25 6.08 -13.53
N GLN B 190 2.51 5.51 -14.48
CA GLN B 190 2.94 4.30 -15.16
C GLN B 190 4.14 4.56 -16.05
N VAL B 191 5.29 4.02 -15.67
CA VAL B 191 6.52 4.22 -16.43
C VAL B 191 7.24 2.90 -16.66
N GLU B 192 8.15 2.89 -17.63
CA GLU B 192 9.10 1.79 -17.79
C GLU B 192 10.00 1.66 -16.57
N CYS B 193 10.12 0.45 -16.05
CA CYS B 193 10.91 0.21 -14.84
C CYS B 193 11.44 -1.22 -14.81
N HIS B 194 12.75 -1.36 -14.60
CA HIS B 194 13.35 -2.67 -14.37
C HIS B 194 14.74 -2.52 -13.76
N PRO B 195 15.38 -3.66 -13.48
CA PRO B 195 16.65 -3.67 -12.76
C PRO B 195 17.74 -2.91 -13.51
N TYR B 196 17.60 -2.80 -14.83
CA TYR B 196 18.44 -1.91 -15.62
C TYR B 196 18.02 -0.45 -15.43
N LEU B 197 16.72 -0.23 -15.33
CA LEU B 197 16.17 1.12 -15.27
C LEU B 197 15.24 1.28 -14.07
N ASN B 198 15.81 1.32 -12.87
CA ASN B 198 15.08 1.05 -11.65
C ASN B 198 14.40 2.30 -11.10
N GLN B 199 14.70 3.44 -11.72
CA GLN B 199 13.82 4.62 -11.63
C GLN B 199 13.82 5.18 -10.22
N MET B 200 14.96 5.09 -9.54
CA MET B 200 15.02 5.30 -8.10
C MET B 200 14.62 6.72 -7.73
N LYS B 201 14.99 7.67 -8.57
CA LYS B 201 14.78 9.08 -8.29
C LYS B 201 13.33 9.48 -8.52
N LEU B 202 12.77 9.01 -9.64
CA LEU B 202 11.35 9.19 -9.91
C LEU B 202 10.50 8.45 -8.90
N LEU B 203 10.93 7.25 -8.52
CA LEU B 203 10.27 6.49 -7.47
C LEU B 203 10.23 7.29 -6.16
N ASP B 204 11.39 7.75 -5.72
CA ASP B 204 11.50 8.44 -4.46
C ASP B 204 10.65 9.75 -4.53
N PHE B 205 10.67 10.41 -5.68
CA PHE B 205 9.81 11.58 -5.88
C PHE B 205 8.34 11.25 -5.69
N CYS B 206 7.87 10.17 -6.35
CA CYS B 206 6.48 9.67 -6.28
C CYS B 206 5.99 9.37 -4.90
N LYS B 207 6.79 8.59 -4.18
CA LYS B 207 6.56 8.33 -2.76
C LYS B 207 6.38 9.61 -1.87
N SER B 208 7.23 10.62 -2.05
CA SER B 208 7.07 11.86 -1.33
C SER B 208 5.69 12.47 -1.62
N LYS B 209 5.11 12.17 -2.77
CA LYS B 209 3.85 12.85 -3.16
C LYS B 209 2.63 11.92 -3.14
N ASP B 210 2.82 10.74 -2.54
CA ASP B 210 1.79 9.66 -2.45
C ASP B 210 1.26 9.20 -3.80
N ILE B 211 2.20 9.08 -4.73
CA ILE B 211 1.94 8.61 -6.06
C ILE B 211 2.59 7.22 -6.17
N VAL B 212 1.79 6.25 -6.56
CA VAL B 212 2.26 4.90 -6.88
C VAL B 212 2.89 4.89 -8.29
N LEU B 213 4.10 4.39 -8.36
CA LEU B 213 4.71 4.05 -9.60
C LEU B 213 4.20 2.67 -9.99
N VAL B 214 3.70 2.57 -11.21
CA VAL B 214 3.39 1.28 -11.81
C VAL B 214 4.30 0.99 -13.00
N ALA B 215 4.95 -0.17 -12.99
CA ALA B 215 5.99 -0.48 -13.95
C ALA B 215 5.42 -1.27 -15.13
N TYR B 216 5.82 -0.88 -16.34
CA TYR B 216 5.82 -1.80 -17.48
C TYR B 216 7.21 -1.96 -18.06
N GLY B 217 7.37 -2.92 -18.96
CA GLY B 217 8.68 -3.28 -19.47
C GLY B 217 9.54 -3.96 -18.41
N VAL B 218 8.90 -4.66 -17.48
CA VAL B 218 9.54 -5.04 -16.22
C VAL B 218 10.54 -6.16 -16.44
N LEU B 219 10.52 -6.75 -17.63
CA LEU B 219 11.42 -7.85 -17.95
C LEU B 219 12.29 -7.51 -19.16
N GLY B 220 11.99 -6.38 -19.78
CA GLY B 220 12.96 -5.73 -20.66
C GLY B 220 13.24 -6.53 -21.91
N THR B 221 12.22 -7.21 -22.42
CA THR B 221 12.40 -8.16 -23.51
C THR B 221 12.20 -7.48 -24.86
N GLN B 222 12.26 -6.15 -24.87
CA GLN B 222 12.20 -5.37 -26.11
C GLN B 222 13.45 -5.53 -26.99
N ARG B 223 13.29 -5.35 -28.30
CA ARG B 223 13.82 -6.29 -29.27
C ARG B 223 14.07 -5.61 -30.62
N ASP B 224 13.74 -4.33 -30.69
CA ASP B 224 13.96 -3.56 -31.91
C ASP B 224 15.19 -2.67 -31.79
N GLY B 225 16.32 -3.17 -32.29
CA GLY B 225 16.33 -4.03 -33.45
C GLY B 225 17.16 -3.47 -34.57
N GLY B 226 17.66 -4.36 -35.44
CA GLY B 226 17.15 -5.71 -35.52
C GLY B 226 18.10 -6.73 -34.93
N TRP B 227 18.63 -7.59 -35.79
CA TRP B 227 19.00 -8.94 -35.38
C TRP B 227 20.15 -8.94 -34.39
N VAL B 228 21.26 -8.30 -34.78
CA VAL B 228 22.40 -8.13 -33.88
C VAL B 228 21.96 -7.56 -32.54
N ASP B 229 21.11 -6.54 -32.58
CA ASP B 229 20.61 -5.91 -31.37
C ASP B 229 19.59 -6.81 -30.66
N GLN B 230 18.85 -7.58 -31.45
CA GLN B 230 17.76 -8.39 -30.92
C GLN B 230 18.28 -9.71 -30.36
N ASN B 231 19.40 -10.18 -30.89
CA ASN B 231 19.97 -11.46 -30.49
C ASN B 231 21.15 -11.30 -29.54
N SER B 232 21.39 -10.08 -29.09
CA SER B 232 22.42 -9.81 -28.10
C SER B 232 21.82 -9.63 -26.71
N PRO B 233 22.63 -9.89 -25.69
CA PRO B 233 22.11 -10.36 -24.39
C PRO B 233 20.96 -9.50 -23.90
N VAL B 234 19.96 -10.13 -23.29
CA VAL B 234 18.80 -9.42 -22.77
C VAL B 234 18.80 -9.40 -21.25
N LEU B 235 18.03 -8.49 -20.67
CA LEU B 235 17.96 -8.35 -19.22
C LEU B 235 17.80 -9.69 -18.50
N LEU B 236 16.95 -10.59 -18.96
CA LEU B 236 16.81 -11.82 -18.19
C LEU B 236 18.04 -12.75 -18.30
N ASP B 237 18.99 -12.41 -19.18
CA ASP B 237 20.26 -13.10 -19.25
C ASP B 237 21.17 -12.66 -18.12
N GLU B 238 20.87 -11.54 -17.47
CA GLU B 238 21.68 -11.05 -16.36
C GLU B 238 22.06 -12.18 -15.41
N PRO B 239 23.34 -12.26 -15.08
CA PRO B 239 23.88 -13.42 -14.36
C PRO B 239 23.50 -13.42 -12.89
N VAL B 240 23.10 -12.26 -12.39
CA VAL B 240 22.80 -12.10 -10.97
C VAL B 240 21.32 -12.36 -10.69
N LEU B 241 20.49 -12.19 -11.71
CA LEU B 241 19.14 -12.75 -11.70
C LEU B 241 19.18 -14.27 -11.81
N GLY B 242 20.17 -14.79 -12.54
CA GLY B 242 20.30 -16.24 -12.72
C GLY B 242 20.77 -16.89 -11.46
N SER B 243 21.69 -16.22 -10.74
CA SER B 243 22.21 -16.69 -9.43
C SER B 243 21.17 -16.58 -8.37
N MET B 244 20.49 -15.45 -8.39
CA MET B 244 19.48 -15.26 -7.38
C MET B 244 18.29 -16.22 -7.63
N ALA B 245 17.93 -16.40 -8.89
CA ALA B 245 16.87 -17.33 -9.19
C ALA B 245 17.25 -18.74 -8.65
N LYS B 246 18.51 -19.13 -8.85
CA LYS B 246 19.11 -20.36 -8.29
C LYS B 246 18.93 -20.39 -6.79
N LYS B 247 19.35 -19.29 -6.18
CA LYS B 247 19.27 -19.13 -4.74
C LYS B 247 17.86 -19.27 -4.19
N TYR B 248 16.84 -18.76 -4.88
CA TYR B 248 15.48 -18.74 -4.29
C TYR B 248 14.56 -19.83 -4.88
N ASN B 249 15.16 -20.63 -5.76
CA ASN B 249 14.46 -21.63 -6.57
C ASN B 249 13.26 -21.07 -7.41
N ARG B 250 13.38 -19.82 -7.82
CA ARG B 250 12.41 -19.21 -8.74
C ARG B 250 13.20 -18.87 -9.99
N THR B 251 12.59 -18.23 -10.98
CA THR B 251 13.23 -17.96 -12.27
C THR B 251 13.81 -16.55 -12.32
N PRO B 252 14.69 -16.27 -13.29
CA PRO B 252 15.09 -14.87 -13.45
C PRO B 252 13.92 -13.84 -13.43
N ALA B 253 12.84 -14.11 -14.15
CA ALA B 253 11.69 -13.21 -14.28
C ALA B 253 10.97 -12.97 -12.94
N LEU B 254 10.77 -14.05 -12.20
CA LEU B 254 10.13 -13.96 -10.89
C LEU B 254 10.97 -13.14 -9.91
N ILE B 255 12.28 -13.19 -10.10
CA ILE B 255 13.19 -12.38 -9.29
C ILE B 255 13.02 -10.90 -9.58
N ALA B 256 12.88 -10.55 -10.86
CA ALA B 256 12.78 -9.16 -11.27
C ALA B 256 11.41 -8.58 -10.93
N LEU B 257 10.39 -9.43 -10.96
CA LEU B 257 9.05 -9.02 -10.55
C LEU B 257 8.99 -8.74 -9.06
N ARG B 258 9.63 -9.59 -8.27
CA ARG B 258 9.53 -9.53 -6.84
C ARG B 258 10.34 -8.31 -6.32
N TYR B 259 11.49 -8.08 -6.93
CA TYR B 259 12.27 -6.84 -6.72
C TYR B 259 11.43 -5.60 -6.73
N GLN B 260 10.66 -5.40 -7.81
CA GLN B 260 9.75 -4.25 -7.88
C GLN B 260 8.76 -4.15 -6.77
N LEU B 261 8.05 -5.24 -6.46
CA LEU B 261 7.01 -5.20 -5.43
C LEU B 261 7.52 -4.74 -4.08
N GLN B 262 8.70 -5.20 -3.72
CA GLN B 262 9.28 -4.89 -2.40
C GLN B 262 9.78 -3.41 -2.31
N ARG B 263 9.92 -2.80 -3.48
CA ARG B 263 10.15 -1.35 -3.55
C ARG B 263 8.83 -0.59 -3.53
N GLY B 264 7.72 -1.32 -3.59
CA GLY B 264 6.40 -0.72 -3.49
C GLY B 264 5.84 -0.32 -4.84
N ILE B 265 6.41 -0.89 -5.89
CA ILE B 265 5.94 -0.62 -7.25
C ILE B 265 4.84 -1.58 -7.67
N VAL B 266 3.85 -1.08 -8.39
CA VAL B 266 2.84 -1.93 -9.02
C VAL B 266 3.32 -2.44 -10.37
N VAL B 267 3.18 -3.74 -10.58
CA VAL B 267 3.88 -4.42 -11.67
C VAL B 267 2.89 -4.92 -12.72
N LEU B 268 3.09 -4.51 -13.96
CA LEU B 268 2.40 -5.11 -15.10
C LEU B 268 3.34 -6.03 -15.87
N ASN B 269 2.81 -7.17 -16.32
CA ASN B 269 3.52 -8.04 -17.24
C ASN B 269 2.60 -8.75 -18.22
N THR B 270 3.18 -9.35 -19.25
CA THR B 270 2.40 -9.87 -20.36
C THR B 270 3.07 -11.09 -20.99
N SER B 271 2.27 -12.07 -21.37
CA SER B 271 2.77 -13.19 -22.17
C SER B 271 1.80 -13.54 -23.30
N LEU B 272 2.32 -14.17 -24.34
CA LEU B 272 1.50 -14.98 -25.24
C LEU B 272 1.32 -16.39 -24.68
N LYS B 273 2.13 -16.74 -23.68
CA LYS B 273 2.25 -18.11 -23.24
C LYS B 273 1.54 -18.32 -21.90
N GLU B 274 0.68 -19.34 -21.84
CA GLU B 274 -0.28 -19.48 -20.76
C GLU B 274 0.37 -20.05 -19.51
N GLU B 275 1.48 -20.75 -19.70
CA GLU B 275 2.32 -21.16 -18.57
C GLU B 275 3.20 -19.99 -18.03
N ARG B 276 3.51 -18.98 -18.87
CA ARG B 276 4.22 -17.83 -18.31
C ARG B 276 3.21 -17.01 -17.54
N ILE B 277 1.99 -16.98 -18.08
CA ILE B 277 0.93 -16.23 -17.45
C ILE B 277 0.69 -16.75 -16.05
N LYS B 278 0.49 -18.05 -15.91
CA LYS B 278 0.30 -18.67 -14.60
C LYS B 278 1.50 -18.41 -13.69
N GLU B 279 2.69 -18.45 -14.27
CA GLU B 279 3.93 -18.35 -13.50
C GLU B 279 3.93 -17.11 -12.62
N ASN B 280 3.31 -16.04 -13.10
CA ASN B 280 3.44 -14.73 -12.48
C ASN B 280 3.00 -14.74 -11.02
N MET B 281 2.19 -15.72 -10.66
CA MET B 281 1.52 -15.74 -9.36
C MET B 281 2.43 -16.33 -8.28
N GLN B 282 3.52 -16.94 -8.72
CA GLN B 282 4.57 -17.37 -7.80
C GLN B 282 5.22 -16.19 -7.10
N VAL B 283 5.06 -15.00 -7.68
CA VAL B 283 5.72 -13.81 -7.16
C VAL B 283 5.32 -13.54 -5.72
N PHE B 284 4.25 -14.17 -5.28
CA PHE B 284 3.73 -13.95 -3.93
C PHE B 284 4.19 -15.06 -2.98
N GLU B 285 4.96 -16.00 -3.52
CA GLU B 285 5.27 -17.23 -2.79
C GLU B 285 6.55 -17.08 -1.98
N PHE B 286 7.37 -16.10 -2.35
CA PHE B 286 8.62 -15.83 -1.64
C PHE B 286 8.84 -14.34 -1.44
N GLN B 287 9.91 -14.00 -0.74
CA GLN B 287 10.39 -12.67 -0.73
C GLN B 287 11.93 -12.65 -0.68
N LEU B 288 12.50 -11.59 -1.23
CA LEU B 288 13.94 -11.40 -1.36
C LEU B 288 14.34 -10.70 -0.06
N SER B 289 15.50 -11.08 0.51
CA SER B 289 16.14 -10.37 1.67
C SER B 289 16.59 -8.99 1.27
N SER B 290 16.94 -8.17 2.25
CA SER B 290 17.29 -6.77 2.01
C SER B 290 18.69 -6.68 1.41
N GLU B 291 19.54 -7.62 1.82
CA GLU B 291 20.87 -7.81 1.21
C GLU B 291 20.70 -8.09 -0.30
N ASP B 292 19.82 -9.00 -0.64
CA ASP B 292 19.54 -9.25 -2.07
C ASP B 292 18.90 -8.06 -2.88
N MET B 293 17.97 -7.35 -2.25
CA MET B 293 17.44 -6.08 -2.80
C MET B 293 18.50 -5.10 -3.18
N LYS B 294 19.39 -4.81 -2.24
CA LYS B 294 20.58 -3.97 -2.52
C LYS B 294 21.51 -4.45 -3.65
N VAL B 295 21.73 -5.75 -3.81
CA VAL B 295 22.48 -6.25 -4.97
C VAL B 295 21.75 -6.01 -6.32
N LEU B 296 20.42 -6.17 -6.32
CA LEU B 296 19.59 -5.83 -7.46
C LEU B 296 19.67 -4.33 -7.83
N ASP B 297 19.65 -3.47 -6.81
CA ASP B 297 19.84 -2.04 -6.96
C ASP B 297 21.14 -1.70 -7.69
N GLY B 298 22.18 -2.50 -7.48
CA GLY B 298 23.40 -2.31 -8.24
C GLY B 298 23.31 -2.58 -9.73
N LEU B 299 22.17 -3.13 -10.15
CA LEU B 299 22.01 -3.59 -11.52
C LEU B 299 21.78 -2.43 -12.49
N ASN B 300 21.47 -1.26 -11.91
CA ASN B 300 20.94 -0.15 -12.71
C ASN B 300 21.90 0.31 -13.79
N ARG B 301 21.36 0.63 -14.96
CA ARG B 301 22.18 0.91 -16.13
C ARG B 301 21.65 2.11 -16.91
N ASN B 302 20.62 2.75 -16.37
CA ASN B 302 19.80 3.67 -17.15
C ASN B 302 19.38 3.23 -18.54
N MET B 303 19.05 1.96 -18.68
CA MET B 303 18.76 1.37 -19.98
C MET B 303 17.27 1.46 -20.33
N ARG B 304 16.92 2.47 -21.10
CA ARG B 304 15.53 2.70 -21.48
C ARG B 304 15.17 1.95 -22.75
N TYR B 305 14.45 0.84 -22.59
CA TYR B 305 14.10 -0.02 -23.73
C TYR B 305 12.97 0.59 -24.54
N ILE B 306 12.14 1.40 -23.89
CA ILE B 306 10.90 1.92 -24.51
C ILE B 306 10.92 3.45 -24.55
N PRO B 307 11.80 4.06 -25.39
CA PRO B 307 11.92 5.49 -25.35
C PRO B 307 10.89 6.20 -26.22
N ALA B 308 10.01 5.45 -26.89
CA ALA B 308 9.07 6.07 -27.78
C ALA B 308 9.81 7.13 -28.66
N ALA B 309 10.83 6.66 -29.38
CA ALA B 309 11.68 7.51 -30.26
C ALA B 309 10.96 8.27 -31.34
N ILE B 310 9.82 7.76 -31.87
CA ILE B 310 9.10 8.57 -32.84
C ILE B 310 8.70 9.96 -32.32
N PHE B 311 8.60 10.08 -30.99
CA PHE B 311 8.23 11.33 -30.37
C PHE B 311 9.42 12.21 -30.02
N LYS B 312 10.63 11.71 -30.32
CA LYS B 312 11.90 12.35 -29.90
C LYS B 312 12.02 13.87 -30.09
N GLY B 313 11.43 14.43 -31.15
CA GLY B 313 11.51 15.92 -31.33
C GLY B 313 10.36 16.72 -30.76
N HIS B 314 9.40 16.07 -30.08
CA HIS B 314 8.29 16.74 -29.44
C HIS B 314 8.75 17.52 -28.22
N PRO B 315 8.26 18.80 -28.04
CA PRO B 315 8.79 19.51 -26.88
C PRO B 315 8.46 18.87 -25.51
N ASN B 316 7.30 18.26 -25.30
CA ASN B 316 7.07 17.60 -23.99
C ASN B 316 7.63 16.16 -23.81
N TRP B 317 8.52 15.73 -24.72
CA TRP B 317 9.08 14.39 -24.71
C TRP B 317 9.67 14.13 -23.33
N PRO B 318 9.13 13.11 -22.59
CA PRO B 318 9.41 13.08 -21.16
C PRO B 318 10.80 12.62 -20.75
N PHE B 319 11.56 12.06 -21.69
CA PHE B 319 12.79 11.30 -21.32
C PHE B 319 14.10 12.05 -21.52
N LEU B 320 13.99 13.37 -21.67
CA LEU B 320 15.10 14.25 -21.89
C LEU B 320 15.71 14.61 -20.50
N ASP B 321 14.84 15.02 -19.57
CA ASP B 321 15.24 15.22 -18.16
C ASP B 321 15.85 13.98 -17.52
N GLU B 322 16.65 14.22 -16.48
CA GLU B 322 17.27 13.18 -15.68
C GLU B 322 16.17 12.23 -15.14
N TYR B 323 15.10 12.76 -14.56
CA TYR B 323 13.92 11.96 -14.24
C TYR B 323 12.76 12.89 -14.17
C ACT C . -1.54 0.65 24.02
O ACT C . -0.68 1.58 23.75
OXT ACT C . -1.25 -0.50 23.64
CH3 ACT C . -2.83 0.85 24.75
C ACT D . 8.23 -22.09 20.65
O ACT D . 8.63 -20.99 20.20
OXT ACT D . 7.26 -22.55 20.04
CH3 ACT D . 8.81 -22.83 21.82
C ACT E . 7.00 -14.59 -16.69
O ACT E . 6.58 -14.77 -15.54
OXT ACT E . 7.93 -15.33 -16.98
CH3 ACT E . 6.49 -13.59 -17.65
C ACT F . 2.96 1.93 -23.31
O ACT F . 3.72 1.10 -23.90
OXT ACT F . 1.73 1.63 -23.24
CH3 ACT F . 3.47 3.20 -22.68
#